data_5IYV
#
_entry.id   5IYV
#
_cell.length_a   150.181
_cell.length_b   150.181
_cell.length_c   60.070
_cell.angle_alpha   90.00
_cell.angle_beta   90.00
_cell.angle_gamma   120.00
#
_symmetry.space_group_name_H-M   'P 31 2 1'
#
loop_
_entity.id
_entity.type
_entity.pdbx_description
1 polymer 'Receptor-like protein kinase 5'
2 polymer 'Protein IDA-LIKE 1'
3 branched 2-acetamido-2-deoxy-beta-D-glucopyranose-(1-4)-2-acetamido-2-deoxy-beta-D-glucopyranose
4 branched alpha-D-mannopyranose-(1-3)-beta-D-mannopyranose-(1-4)-2-acetamido-2-deoxy-beta-D-glucopyranose-(1-4)-2-acetamido-2-deoxy-beta-D-glucopyranose
5 non-polymer 2-acetamido-2-deoxy-beta-D-glucopyranose
6 non-polymer 1,2-ETHANEDIOL
7 water water
#
loop_
_entity_poly.entity_id
_entity_poly.type
_entity_poly.pdbx_seq_one_letter_code
_entity_poly.pdbx_strand_id
1 'polypeptide(L)'
;GSSMGSLNQDATILRQAKLGLSDPAQSLSSWSDNNDVTPCKWLGVSCDATSNVVSVDLSSFMLVGPFPSILCHLPSLHSL
SLYNNSINGSLSADDFDTCHNLISLDLSENLLVGSIPKSLPFNLPNLKFLEISGNNLSDTIPSSFGEFRKLESLNLAGNF
LSGTIPASLGNVTTLKELKLAYNLFSPSQIPSQLGNLTELQVLWLAGCNLVGPIPPSLSRLTSLVNLDLTFNQLTGSIPS
WITQLKTVEQIELFNNSFSGELPESMGNMTTLKRFDASMNKLTGKIPDNLNLLNLESLNLFENMLEGPLPESITRSKTLS
ELKLFNNRLTGVLPSQLGANSPLQYVDLSYNRFSGEIPANVCGEGKLEYLILIDNSFSGEISNNLGKCKSLTRVRLSNNK
LSGQIPHGFWGLPRLSLLELSDNSFTGSIPKTIIGAKNLSNLRISKNRFSGSIPNEIGSLNGIIEISGAENDFSGEIPES
LVKLKQLSRLDLSKNQLSGEIPRELRGWKNLNELNLANNHLSGEIPKEVGILPVLNYLDLSSNQFSGEIPLELQNLKLNV
LNLSYNHLSGKIPPLYANKIYAHDFIGNPGLCVDLDGLCRKITRSKLEGSENLYFQ
;
A
2 'polypeptide(L)' LVPPSG(HYP)SMRHN B
#
loop_
_chem_comp.id
_chem_comp.type
_chem_comp.name
_chem_comp.formula
BMA D-saccharide, beta linking beta-D-mannopyranose 'C6 H12 O6'
EDO non-polymer 1,2-ETHANEDIOL 'C2 H6 O2'
MAN D-saccharide, alpha linking alpha-D-mannopyranose 'C6 H12 O6'
NAG D-saccharide, beta linking 2-acetamido-2-deoxy-beta-D-glucopyranose 'C8 H15 N O6'
#
# COMPACT_ATOMS: atom_id res chain seq x y z
N MET A 4 50.74 22.67 2.09
CA MET A 4 50.43 23.68 3.14
C MET A 4 49.47 24.77 2.65
N GLY A 5 49.73 25.30 1.44
CA GLY A 5 49.00 26.45 0.91
C GLY A 5 47.55 26.17 0.55
N SER A 6 47.31 25.11 -0.22
CA SER A 6 45.96 24.70 -0.59
C SER A 6 45.21 24.03 0.58
N LEU A 7 45.95 23.60 1.62
CA LEU A 7 45.33 23.14 2.89
C LEU A 7 44.90 24.34 3.74
N ASN A 8 45.74 25.38 3.80
CA ASN A 8 45.38 26.62 4.50
C ASN A 8 44.13 27.25 3.90
N GLN A 9 44.17 27.49 2.58
CA GLN A 9 43.07 28.13 1.88
C GLN A 9 41.76 27.40 2.14
N ASP A 10 41.78 26.09 1.91
CA ASP A 10 40.59 25.26 2.03
C ASP A 10 40.04 25.15 3.46
N ALA A 11 40.90 24.98 4.47
CA ALA A 11 40.44 24.96 5.85
C ALA A 11 39.72 26.25 6.21
N THR A 12 40.26 27.38 5.76
CA THR A 12 39.64 28.69 5.98
C THR A 12 38.26 28.78 5.31
N ILE A 13 38.17 28.42 4.00
CA ILE A 13 36.89 28.47 3.27
C ILE A 13 35.82 27.60 3.97
N LEU A 14 36.18 26.37 4.35
CA LEU A 14 35.23 25.44 5.00
C LEU A 14 34.72 25.92 6.34
N ARG A 15 35.60 26.47 7.17
CA ARG A 15 35.21 26.99 8.48
C ARG A 15 34.30 28.24 8.33
N GLN A 16 34.61 29.12 7.38
CA GLN A 16 33.71 30.23 7.05
C GLN A 16 32.33 29.77 6.63
N ALA A 17 32.26 28.68 5.89
CA ALA A 17 30.98 28.11 5.50
C ALA A 17 30.22 27.63 6.73
N LYS A 18 30.93 26.96 7.62
CA LYS A 18 30.34 26.35 8.80
C LYS A 18 29.73 27.39 9.71
N LEU A 19 30.40 28.55 9.88
CA LEU A 19 29.86 29.65 10.74
C LEU A 19 28.53 30.27 10.29
N GLY A 20 28.18 30.13 9.01
CA GLY A 20 26.86 30.51 8.51
C GLY A 20 25.79 29.43 8.66
N LEU A 21 26.17 28.25 9.12
CA LEU A 21 25.24 27.18 9.40
C LEU A 21 25.17 26.97 10.89
N SER A 22 24.13 26.25 11.29
CA SER A 22 23.89 25.91 12.67
C SER A 22 23.88 24.39 12.73
N ASP A 23 24.64 23.83 13.67
CA ASP A 23 24.94 22.40 13.70
C ASP A 23 24.61 21.81 15.07
N PRO A 24 23.32 21.65 15.39
CA PRO A 24 22.93 21.20 16.71
C PRO A 24 23.30 19.74 17.01
N ALA A 25 23.36 18.87 16.01
CA ALA A 25 23.87 17.49 16.21
C ALA A 25 25.40 17.37 16.30
N GLN A 26 26.12 18.49 16.16
CA GLN A 26 27.61 18.56 16.19
C GLN A 26 28.30 17.66 15.16
N SER A 27 27.66 17.54 14.00
CA SER A 27 28.15 16.75 12.87
C SER A 27 29.49 17.21 12.33
N LEU A 28 29.76 18.50 12.41
CA LEU A 28 30.99 19.11 11.92
C LEU A 28 32.01 19.42 13.04
N SER A 29 32.12 18.54 14.05
CA SER A 29 33.07 18.80 15.14
C SER A 29 34.49 18.74 14.61
N SER A 30 34.74 17.78 13.72
CA SER A 30 36.06 17.59 13.08
C SER A 30 36.56 18.78 12.27
N TRP A 31 35.69 19.74 11.96
CA TRP A 31 36.08 21.01 11.30
C TRP A 31 36.57 22.05 12.29
N SER A 32 36.12 21.99 13.55
CA SER A 32 36.32 23.08 14.58
C SER A 32 37.75 23.16 15.12
N ASP A 36 43.30 20.56 14.78
CA ASP A 36 44.63 19.90 14.72
C ASP A 36 44.92 19.19 13.38
N VAL A 37 43.90 18.54 12.81
CA VAL A 37 44.03 17.61 11.67
C VAL A 37 43.89 18.34 10.31
N THR A 38 44.42 17.74 9.24
CA THR A 38 44.26 18.22 7.86
C THR A 38 42.80 18.26 7.34
N PRO A 39 42.42 19.35 6.63
CA PRO A 39 41.06 19.43 6.08
C PRO A 39 40.59 18.26 5.19
N CYS A 40 41.52 17.60 4.51
CA CYS A 40 41.23 16.44 3.68
C CYS A 40 40.74 15.19 4.42
N LYS A 41 40.98 15.09 5.72
CA LYS A 41 40.44 14.01 6.55
C LYS A 41 39.23 14.42 7.41
N TRP A 42 38.70 15.62 7.22
CA TRP A 42 37.50 16.05 7.94
C TRP A 42 36.28 15.33 7.43
N LEU A 43 35.24 15.32 8.23
CA LEU A 43 34.05 14.57 7.90
C LEU A 43 33.31 15.22 6.72
N GLY A 44 33.02 14.40 5.71
CA GLY A 44 32.31 14.87 4.54
C GLY A 44 33.19 15.51 3.48
N VAL A 45 34.50 15.59 3.71
CA VAL A 45 35.39 16.32 2.83
C VAL A 45 36.35 15.39 2.08
N SER A 46 36.40 15.54 0.75
CA SER A 46 37.30 14.76 -0.11
C SER A 46 38.21 15.65 -0.94
N CYS A 47 39.50 15.31 -0.94
CA CYS A 47 40.51 16.04 -1.67
C CYS A 47 41.08 15.21 -2.81
N ASP A 48 41.64 15.90 -3.80
CA ASP A 48 42.47 15.27 -4.84
C ASP A 48 43.88 15.07 -4.27
N ALA A 49 44.82 14.58 -5.07
CA ALA A 49 46.20 14.29 -4.62
C ALA A 49 47.07 15.50 -4.29
N THR A 50 46.69 16.68 -4.79
CA THR A 50 47.36 17.96 -4.45
C THR A 50 46.61 18.72 -3.33
N SER A 51 45.82 18.00 -2.51
CA SER A 51 45.20 18.55 -1.29
C SER A 51 44.15 19.66 -1.52
N ASN A 52 43.55 19.70 -2.70
CA ASN A 52 42.44 20.62 -2.99
C ASN A 52 41.12 19.91 -2.73
N VAL A 53 40.18 20.61 -2.11
CA VAL A 53 38.88 20.03 -1.87
C VAL A 53 38.17 19.88 -3.21
N VAL A 54 37.80 18.64 -3.50
CA VAL A 54 37.10 18.24 -4.72
C VAL A 54 35.60 18.05 -4.43
N SER A 55 35.28 17.56 -3.25
CA SER A 55 33.93 17.15 -2.95
C SER A 55 33.61 17.48 -1.50
N VAL A 56 32.39 17.93 -1.24
CA VAL A 56 31.90 18.17 0.12
C VAL A 56 30.51 17.54 0.20
N ASP A 57 30.39 16.47 0.99
CA ASP A 57 29.18 15.69 1.13
C ASP A 57 28.71 15.72 2.58
N LEU A 58 27.71 16.54 2.87
CA LEU A 58 27.15 16.71 4.20
C LEU A 58 25.75 16.10 4.32
N SER A 59 25.56 14.93 3.72
CA SER A 59 24.23 14.31 3.71
C SER A 59 23.82 13.85 5.10
N SER A 60 22.60 14.23 5.49
CA SER A 60 21.96 13.77 6.70
C SER A 60 22.65 14.24 7.97
N PHE A 61 23.20 15.46 7.92
CA PHE A 61 23.98 16.03 9.01
C PHE A 61 23.18 16.97 9.92
N MET A 62 21.88 17.11 9.65
CA MET A 62 20.96 17.91 10.49
C MET A 62 21.31 19.39 10.55
N LEU A 63 21.88 19.91 9.46
CA LEU A 63 22.33 21.30 9.39
C LEU A 63 21.19 22.26 9.04
N VAL A 64 21.19 23.42 9.66
CA VAL A 64 20.12 24.38 9.57
C VAL A 64 20.75 25.71 9.17
N GLY A 65 20.16 26.37 8.19
CA GLY A 65 20.61 27.67 7.78
C GLY A 65 20.54 27.88 6.30
N PRO A 66 20.92 29.09 5.83
CA PRO A 66 20.87 29.36 4.40
C PRO A 66 21.88 28.52 3.65
N PHE A 67 21.75 28.49 2.34
CA PHE A 67 22.65 27.72 1.50
C PHE A 67 24.09 28.27 1.67
N PRO A 68 25.08 27.44 2.03
CA PRO A 68 26.42 27.93 2.32
C PRO A 68 27.23 28.17 1.03
N SER A 69 26.89 29.24 0.32
CA SER A 69 27.52 29.58 -0.96
C SER A 69 29.01 29.86 -0.88
N ILE A 70 29.53 30.11 0.32
CA ILE A 70 30.96 30.24 0.57
C ILE A 70 31.71 28.99 0.11
N LEU A 71 31.05 27.83 0.11
CA LEU A 71 31.70 26.59 -0.32
C LEU A 71 32.11 26.66 -1.78
N CYS A 72 31.36 27.41 -2.57
CA CYS A 72 31.75 27.60 -3.98
C CYS A 72 33.02 28.40 -4.23
N HIS A 73 33.56 29.01 -3.17
CA HIS A 73 34.83 29.72 -3.22
CA HIS A 73 34.81 29.72 -3.22
C HIS A 73 36.00 28.72 -3.25
N LEU A 74 35.74 27.45 -2.92
CA LEU A 74 36.75 26.36 -3.06
C LEU A 74 37.03 26.09 -4.55
N PRO A 75 38.23 26.44 -5.06
CA PRO A 75 38.38 26.48 -6.52
C PRO A 75 38.27 25.16 -7.28
N SER A 76 38.52 24.02 -6.63
CA SER A 76 38.39 22.71 -7.32
C SER A 76 37.14 21.89 -6.98
N LEU A 77 36.14 22.53 -6.36
CA LEU A 77 34.91 21.85 -5.94
C LEU A 77 34.10 21.42 -7.16
N HIS A 78 33.91 20.09 -7.30
CA HIS A 78 33.10 19.50 -8.33
C HIS A 78 31.78 18.98 -7.78
N SER A 79 31.78 18.43 -6.56
CA SER A 79 30.56 17.87 -5.95
C SER A 79 30.18 18.55 -4.66
N LEU A 80 28.92 18.96 -4.57
CA LEU A 80 28.36 19.47 -3.35
C LEU A 80 27.03 18.74 -3.04
N SER A 81 26.99 17.99 -1.93
CA SER A 81 25.72 17.41 -1.44
C SER A 81 25.33 17.97 -0.07
N LEU A 82 24.12 18.53 0.02
CA LEU A 82 23.50 18.94 1.28
C LEU A 82 22.21 18.18 1.44
N TYR A 83 22.14 16.98 0.86
CA TYR A 83 20.96 16.15 0.92
C TYR A 83 20.49 15.92 2.33
N ASN A 84 19.18 16.06 2.56
CA ASN A 84 18.54 15.69 3.84
C ASN A 84 19.07 16.49 5.01
N ASN A 85 18.95 17.81 4.92
CA ASN A 85 19.35 18.70 6.01
C ASN A 85 18.19 19.62 6.26
N SER A 86 18.38 20.73 6.93
CA SER A 86 17.34 21.76 7.06
C SER A 86 17.84 23.08 6.50
N ILE A 87 18.37 23.04 5.29
CA ILE A 87 18.77 24.23 4.53
C ILE A 87 17.49 24.96 4.15
N ASN A 88 17.40 26.24 4.52
CA ASN A 88 16.14 26.98 4.37
C ASN A 88 16.34 28.28 3.61
N GLY A 89 15.28 29.07 3.50
CA GLY A 89 15.34 30.29 2.73
C GLY A 89 15.22 29.96 1.26
N SER A 90 15.43 30.96 0.42
CA SER A 90 15.39 30.79 -1.01
C SER A 90 16.76 30.94 -1.65
N LEU A 91 16.88 30.45 -2.86
CA LEU A 91 18.10 30.49 -3.66
C LEU A 91 18.14 31.79 -4.45
N SER A 92 19.16 32.61 -4.22
CA SER A 92 19.42 33.80 -5.02
C SER A 92 20.18 33.46 -6.31
N ALA A 93 20.19 34.42 -7.23
CA ALA A 93 21.02 34.34 -8.42
C ALA A 93 22.47 34.29 -8.01
N ASP A 94 22.84 35.20 -7.10
CA ASP A 94 24.20 35.32 -6.60
C ASP A 94 24.72 34.07 -5.85
N ASP A 95 23.84 33.25 -5.27
CA ASP A 95 24.26 32.02 -4.56
C ASP A 95 25.25 31.11 -5.31
N PHE A 96 25.13 31.06 -6.64
CA PHE A 96 25.97 30.20 -7.49
C PHE A 96 26.98 30.94 -8.39
N ASP A 97 27.11 32.27 -8.22
CA ASP A 97 28.21 33.12 -8.77
C ASP A 97 29.56 32.46 -8.99
N THR A 98 30.04 31.73 -7.98
CA THR A 98 31.37 31.11 -8.00
C THR A 98 31.40 29.58 -8.24
N CYS A 99 30.23 28.97 -8.37
CA CYS A 99 30.12 27.51 -8.49
C CYS A 99 30.39 26.93 -9.90
N HIS A 100 31.07 27.67 -10.78
CA HIS A 100 31.12 27.26 -12.20
C HIS A 100 31.88 25.96 -12.46
N ASN A 101 32.72 25.54 -11.54
CA ASN A 101 33.34 24.20 -11.62
C ASN A 101 32.48 23.01 -11.23
N LEU A 102 31.32 23.23 -10.62
CA LEU A 102 30.51 22.10 -10.11
C LEU A 102 30.03 21.14 -11.21
N ILE A 103 30.17 19.85 -10.92
CA ILE A 103 29.63 18.80 -11.75
C ILE A 103 28.37 18.23 -11.10
N SER A 104 28.31 18.22 -9.78
CA SER A 104 27.24 17.54 -9.04
C SER A 104 26.69 18.50 -7.98
N LEU A 105 25.39 18.74 -7.96
CA LEU A 105 24.75 19.54 -6.90
C LEU A 105 23.48 18.84 -6.43
N ASP A 106 23.43 18.49 -5.15
CA ASP A 106 22.31 17.79 -4.57
C ASP A 106 21.81 18.62 -3.40
N LEU A 107 20.63 19.21 -3.56
CA LEU A 107 19.98 19.95 -2.47
C LEU A 107 18.63 19.34 -2.08
N SER A 108 18.46 18.04 -2.34
CA SER A 108 17.19 17.37 -2.10
C SER A 108 16.94 17.25 -0.59
N GLU A 109 15.65 17.19 -0.20
CA GLU A 109 15.23 17.03 1.19
C GLU A 109 15.76 18.14 2.11
N ASN A 110 15.36 19.36 1.81
CA ASN A 110 15.65 20.51 2.66
C ASN A 110 14.38 21.34 2.78
N LEU A 111 14.50 22.58 3.26
CA LEU A 111 13.38 23.49 3.43
C LEU A 111 13.42 24.69 2.49
N LEU A 112 13.87 24.50 1.26
CA LEU A 112 14.00 25.60 0.32
C LEU A 112 12.63 26.08 -0.19
N VAL A 113 12.44 27.40 -0.20
CA VAL A 113 11.23 28.01 -0.74
C VAL A 113 11.61 28.97 -1.89
N GLY A 114 10.61 29.53 -2.54
CA GLY A 114 10.81 30.50 -3.60
C GLY A 114 11.11 29.82 -4.91
N SER A 115 11.40 30.63 -5.91
CA SER A 115 11.60 30.18 -7.27
C SER A 115 13.01 29.70 -7.54
N ILE A 116 13.15 28.81 -8.51
CA ILE A 116 14.46 28.45 -9.04
C ILE A 116 14.99 29.67 -9.81
N PRO A 117 16.26 30.06 -9.57
CA PRO A 117 16.87 31.16 -10.34
C PRO A 117 17.02 30.89 -11.85
N LYS A 118 16.59 31.83 -12.68
CA LYS A 118 16.69 31.71 -14.14
C LYS A 118 18.14 31.68 -14.64
N SER A 119 19.02 32.32 -13.87
CA SER A 119 20.44 32.42 -14.17
C SER A 119 21.24 31.17 -13.77
N LEU A 120 20.58 30.14 -13.28
CA LEU A 120 21.26 28.96 -12.75
C LEU A 120 22.15 28.23 -13.78
N PRO A 121 21.62 27.95 -14.99
CA PRO A 121 22.42 27.30 -16.02
C PRO A 121 23.63 28.09 -16.49
N PHE A 122 23.52 29.43 -16.52
CA PHE A 122 24.65 30.32 -16.83
C PHE A 122 25.72 30.25 -15.72
N ASN A 123 25.28 30.27 -14.47
CA ASN A 123 26.20 30.14 -13.33
C ASN A 123 26.75 28.72 -13.10
N LEU A 124 26.12 27.71 -13.69
CA LEU A 124 26.47 26.30 -13.47
C LEU A 124 26.61 25.59 -14.78
N PRO A 125 27.46 26.10 -15.67
CA PRO A 125 27.56 25.52 -17.01
C PRO A 125 28.04 24.07 -17.07
N ASN A 126 28.76 23.58 -16.07
CA ASN A 126 29.32 22.25 -16.14
C ASN A 126 28.56 21.13 -15.44
N LEU A 127 27.37 21.40 -14.90
CA LEU A 127 26.61 20.39 -14.20
C LEU A 127 26.31 19.16 -15.05
N LYS A 128 26.55 17.99 -14.45
CA LYS A 128 25.99 16.72 -14.87
C LYS A 128 24.78 16.29 -14.03
N PHE A 129 24.77 16.58 -12.74
CA PHE A 129 23.75 16.05 -11.84
C PHE A 129 23.21 17.19 -11.02
N LEU A 130 21.92 17.46 -11.18
CA LEU A 130 21.19 18.46 -10.40
C LEU A 130 19.95 17.84 -9.79
N GLU A 131 19.89 17.84 -8.46
CA GLU A 131 18.72 17.37 -7.70
C GLU A 131 18.31 18.42 -6.68
N ILE A 132 17.06 18.84 -6.72
CA ILE A 132 16.48 19.65 -5.65
C ILE A 132 15.10 19.06 -5.26
N SER A 133 15.07 17.75 -5.14
CA SER A 133 13.86 17.01 -4.89
C SER A 133 13.40 17.24 -3.44
N GLY A 134 12.08 17.31 -3.22
CA GLY A 134 11.57 17.37 -1.87
C GLY A 134 11.91 18.65 -1.13
N ASN A 135 11.60 19.79 -1.72
CA ASN A 135 11.68 21.07 -1.03
C ASN A 135 10.30 21.72 -1.18
N ASN A 136 10.21 23.03 -0.94
CA ASN A 136 8.99 23.81 -1.15
C ASN A 136 9.13 24.86 -2.29
N LEU A 137 9.85 24.48 -3.36
CA LEU A 137 10.10 25.40 -4.46
C LEU A 137 8.83 25.73 -5.24
N SER A 138 8.74 26.95 -5.76
CA SER A 138 7.54 27.44 -6.46
C SER A 138 7.92 28.26 -7.70
N ASP A 139 6.96 28.99 -8.28
CA ASP A 139 7.08 29.56 -9.64
C ASP A 139 7.35 28.47 -10.71
N THR A 140 7.70 28.87 -11.93
CA THR A 140 7.92 27.93 -13.04
C THR A 140 9.35 27.45 -13.15
N ILE A 141 9.52 26.32 -13.83
CA ILE A 141 10.86 25.83 -14.16
C ILE A 141 11.37 26.76 -15.26
N PRO A 142 12.51 27.45 -15.05
CA PRO A 142 12.95 28.42 -16.06
C PRO A 142 13.21 27.81 -17.44
N SER A 143 12.74 28.47 -18.49
CA SER A 143 13.02 28.01 -19.87
C SER A 143 14.51 27.94 -20.15
N SER A 144 15.30 28.80 -19.49
CA SER A 144 16.74 28.75 -19.61
C SER A 144 17.38 27.40 -19.24
N PHE A 145 16.64 26.50 -18.59
CA PHE A 145 17.14 25.14 -18.36
C PHE A 145 17.50 24.36 -19.66
N GLY A 146 16.88 24.74 -20.78
CA GLY A 146 17.29 24.25 -22.10
C GLY A 146 18.74 24.53 -22.50
N GLU A 147 19.39 25.47 -21.81
CA GLU A 147 20.79 25.84 -22.11
C GLU A 147 21.88 24.97 -21.50
N PHE A 148 21.58 24.12 -20.53
CA PHE A 148 22.57 23.12 -20.04
C PHE A 148 23.12 22.27 -21.17
N ARG A 149 24.44 22.32 -21.36
CA ARG A 149 25.12 21.58 -22.43
C ARG A 149 25.66 20.20 -21.99
N LYS A 150 25.62 19.89 -20.69
CA LYS A 150 26.24 18.66 -20.16
C LYS A 150 25.38 17.80 -19.22
N LEU A 151 24.17 18.27 -18.90
CA LEU A 151 23.39 17.73 -17.82
C LEU A 151 22.86 16.34 -18.17
N GLU A 152 23.11 15.38 -17.27
CA GLU A 152 22.74 13.96 -17.41
C GLU A 152 21.53 13.54 -16.59
N SER A 153 21.33 14.16 -15.44
CA SER A 153 20.26 13.77 -14.52
C SER A 153 19.67 15.04 -13.92
N LEU A 154 18.38 15.27 -14.13
CA LEU A 154 17.66 16.41 -13.54
C LEU A 154 16.51 15.91 -12.68
N ASN A 155 16.52 16.24 -11.39
CA ASN A 155 15.44 15.87 -10.49
C ASN A 155 14.90 17.06 -9.71
N LEU A 156 13.69 17.48 -10.08
CA LEU A 156 12.97 18.52 -9.38
C LEU A 156 11.66 18.00 -8.77
N ALA A 157 11.58 16.68 -8.58
CA ALA A 157 10.37 16.02 -8.09
C ALA A 157 10.03 16.40 -6.67
N GLY A 158 8.75 16.60 -6.39
CA GLY A 158 8.26 16.86 -5.01
C GLY A 158 8.50 18.29 -4.53
N ASN A 159 7.96 19.26 -5.26
CA ASN A 159 8.03 20.67 -4.88
C ASN A 159 6.64 21.22 -5.21
N PHE A 160 6.46 22.54 -5.19
CA PHE A 160 5.23 23.18 -5.66
C PHE A 160 5.43 23.96 -6.96
N LEU A 161 6.21 23.41 -7.90
CA LEU A 161 6.49 24.11 -9.15
C LEU A 161 5.23 24.21 -9.98
N SER A 162 5.06 25.35 -10.65
CA SER A 162 3.82 25.65 -11.36
C SER A 162 4.08 25.91 -12.85
N GLY A 163 3.03 26.27 -13.59
CA GLY A 163 3.10 26.47 -15.05
C GLY A 163 3.10 25.12 -15.75
N THR A 164 3.81 25.03 -16.88
CA THR A 164 3.95 23.75 -17.60
C THR A 164 5.43 23.39 -17.75
N ILE A 165 5.69 22.11 -17.99
CA ILE A 165 7.04 21.62 -18.21
C ILE A 165 7.57 22.32 -19.46
N PRO A 166 8.69 23.07 -19.34
CA PRO A 166 9.15 23.87 -20.49
C PRO A 166 9.60 23.01 -21.66
N ALA A 167 9.17 23.40 -22.87
CA ALA A 167 9.54 22.67 -24.09
C ALA A 167 11.05 22.69 -24.31
N SER A 168 11.67 23.82 -23.96
CA SER A 168 13.10 24.02 -24.08
C SER A 168 13.94 22.91 -23.44
N LEU A 169 13.40 22.17 -22.48
CA LEU A 169 14.09 20.99 -21.94
C LEU A 169 14.52 19.99 -22.99
N GLY A 170 13.78 19.91 -24.10
CA GLY A 170 14.11 19.04 -25.23
C GLY A 170 15.47 19.24 -25.88
N ASN A 171 16.04 20.44 -25.76
CA ASN A 171 17.41 20.73 -26.24
C ASN A 171 18.51 20.06 -25.39
N VAL A 172 18.22 19.64 -24.17
CA VAL A 172 19.24 19.16 -23.24
C VAL A 172 19.44 17.69 -23.53
N THR A 173 19.98 17.40 -24.71
CA THR A 173 20.01 16.05 -25.28
C THR A 173 21.00 15.11 -24.61
N THR A 174 21.81 15.63 -23.70
CA THR A 174 22.65 14.83 -22.84
C THR A 174 21.88 14.18 -21.68
N LEU A 175 20.60 14.53 -21.50
CA LEU A 175 19.81 13.99 -20.40
C LEU A 175 19.57 12.49 -20.49
N LYS A 176 19.94 11.77 -19.43
CA LYS A 176 19.60 10.37 -19.22
C LYS A 176 18.50 10.13 -18.17
N GLU A 177 18.25 11.09 -17.30
CA GLU A 177 17.15 10.99 -16.33
C GLU A 177 16.49 12.32 -16.18
N LEU A 178 15.16 12.31 -16.24
CA LEU A 178 14.36 13.51 -16.07
C LEU A 178 13.21 13.18 -15.08
N LYS A 179 13.27 13.78 -13.89
CA LYS A 179 12.31 13.58 -12.83
C LYS A 179 11.66 14.89 -12.43
N LEU A 180 10.39 15.09 -12.82
CA LEU A 180 9.62 16.29 -12.47
C LEU A 180 8.33 15.97 -11.66
N ALA A 181 8.24 14.74 -11.18
CA ALA A 181 7.05 14.17 -10.60
C ALA A 181 6.61 14.94 -9.38
N TYR A 182 5.30 15.02 -9.16
CA TYR A 182 4.72 15.58 -7.92
C TYR A 182 5.02 17.06 -7.73
N ASN A 183 4.54 17.85 -8.68
CA ASN A 183 4.55 19.32 -8.60
C ASN A 183 3.12 19.81 -8.88
N LEU A 184 2.92 21.12 -9.05
CA LEU A 184 1.61 21.73 -9.27
C LEU A 184 1.51 22.40 -10.65
N PHE A 185 1.84 21.64 -11.69
CA PHE A 185 1.76 22.15 -13.05
C PHE A 185 0.28 22.35 -13.42
N SER A 186 0.00 23.31 -14.31
CA SER A 186 -1.34 23.48 -14.89
C SER A 186 -1.68 22.31 -15.78
N PRO A 187 -2.98 22.04 -16.05
CA PRO A 187 -3.29 20.92 -16.95
CA PRO A 187 -3.30 20.92 -16.95
C PRO A 187 -2.68 21.17 -18.32
N SER A 188 -1.91 20.20 -18.81
CA SER A 188 -1.18 20.38 -20.06
C SER A 188 -0.70 19.07 -20.58
N GLN A 189 -0.33 19.05 -21.85
CA GLN A 189 0.18 17.87 -22.50
C GLN A 189 1.65 17.63 -22.20
N ILE A 190 2.09 16.40 -22.39
CA ILE A 190 3.50 16.09 -22.34
C ILE A 190 4.08 16.78 -23.56
N PRO A 191 5.07 17.69 -23.37
CA PRO A 191 5.66 18.38 -24.53
C PRO A 191 6.29 17.42 -25.54
N SER A 192 6.04 17.70 -26.81
CA SER A 192 6.52 16.87 -27.93
C SER A 192 8.07 16.82 -28.01
N GLN A 193 8.69 17.92 -27.62
CA GLN A 193 10.11 18.11 -27.74
C GLN A 193 10.84 17.09 -26.87
N LEU A 194 10.22 16.59 -25.80
CA LEU A 194 10.86 15.59 -24.95
C LEU A 194 11.28 14.33 -25.73
N GLY A 195 10.65 14.07 -26.87
CA GLY A 195 11.12 13.09 -27.84
C GLY A 195 12.54 13.28 -28.34
N ASN A 196 13.06 14.51 -28.30
CA ASN A 196 14.46 14.78 -28.63
C ASN A 196 15.47 14.15 -27.65
N LEU A 197 15.03 13.78 -26.45
CA LEU A 197 15.95 13.34 -25.42
C LEU A 197 16.17 11.85 -25.57
N THR A 198 16.84 11.49 -26.65
CA THR A 198 16.90 10.09 -27.09
C THR A 198 17.82 9.23 -26.24
N GLU A 199 18.59 9.84 -25.33
CA GLU A 199 19.38 9.11 -24.36
C GLU A 199 18.64 8.79 -23.06
N LEU A 200 17.41 9.26 -22.89
CA LEU A 200 16.67 9.03 -21.63
C LEU A 200 16.47 7.56 -21.23
N GLN A 201 16.83 7.28 -19.99
CA GLN A 201 16.60 5.98 -19.39
C GLN A 201 15.47 6.04 -18.37
N VAL A 202 15.32 7.18 -17.69
CA VAL A 202 14.28 7.37 -16.70
C VAL A 202 13.49 8.62 -17.03
N LEU A 203 12.18 8.46 -17.20
CA LEU A 203 11.26 9.60 -17.32
C LEU A 203 10.15 9.42 -16.27
N TRP A 204 10.11 10.33 -15.31
CA TRP A 204 9.21 10.24 -14.20
C TRP A 204 8.45 11.57 -14.14
N LEU A 205 7.23 11.54 -14.70
CA LEU A 205 6.32 12.66 -14.75
C LEU A 205 4.99 12.36 -14.04
N ALA A 206 5.05 11.59 -12.97
CA ALA A 206 3.89 11.24 -12.19
C ALA A 206 3.36 12.46 -11.46
N GLY A 207 2.03 12.58 -11.36
CA GLY A 207 1.40 13.66 -10.60
C GLY A 207 1.75 15.04 -11.13
N CYS A 208 1.72 15.19 -12.44
CA CYS A 208 2.09 16.44 -13.11
C CYS A 208 0.93 17.05 -13.86
N ASN A 209 -0.29 16.61 -13.55
CA ASN A 209 -1.46 17.17 -14.20
C ASN A 209 -1.43 17.06 -15.72
N LEU A 210 -0.87 15.97 -16.23
CA LEU A 210 -0.79 15.76 -17.66
C LEU A 210 -2.13 15.29 -18.26
N VAL A 211 -2.42 15.81 -19.45
CA VAL A 211 -3.61 15.43 -20.20
C VAL A 211 -3.24 15.05 -21.65
N GLY A 212 -4.10 14.29 -22.29
CA GLY A 212 -3.92 13.96 -23.68
C GLY A 212 -3.21 12.64 -23.87
N PRO A 213 -2.80 12.36 -25.11
CA PRO A 213 -2.10 11.10 -25.35
C PRO A 213 -0.67 11.23 -25.01
N ILE A 214 0.00 10.09 -24.83
CA ILE A 214 1.45 10.03 -24.85
C ILE A 214 1.86 10.41 -26.27
N PRO A 215 2.67 11.49 -26.45
CA PRO A 215 2.94 11.95 -27.81
C PRO A 215 3.66 10.89 -28.65
N PRO A 216 3.44 10.90 -29.98
CA PRO A 216 4.14 9.90 -30.81
C PRO A 216 5.67 10.04 -30.80
N SER A 217 6.15 11.28 -30.61
CA SER A 217 7.60 11.56 -30.61
C SER A 217 8.41 10.81 -29.53
N LEU A 218 7.74 10.41 -28.45
CA LEU A 218 8.38 9.61 -27.41
C LEU A 218 8.79 8.19 -27.84
N SER A 219 8.38 7.76 -29.03
CA SER A 219 8.91 6.52 -29.61
C SER A 219 10.40 6.58 -29.89
N ARG A 220 10.95 7.79 -30.01
CA ARG A 220 12.38 7.97 -30.18
C ARG A 220 13.20 7.68 -28.89
N LEU A 221 12.53 7.59 -27.74
CA LEU A 221 13.16 7.26 -26.46
C LEU A 221 13.36 5.76 -26.34
N THR A 222 14.18 5.20 -27.22
CA THR A 222 14.40 3.76 -27.26
C THR A 222 15.34 3.23 -26.15
N SER A 223 15.92 4.11 -25.32
CA SER A 223 16.73 3.65 -24.18
C SER A 223 15.99 3.63 -22.84
N LEU A 224 14.70 3.93 -22.83
CA LEU A 224 13.91 3.87 -21.59
C LEU A 224 14.05 2.55 -20.85
N VAL A 225 14.39 2.67 -19.58
CA VAL A 225 14.40 1.59 -18.62
C VAL A 225 13.20 1.73 -17.69
N ASN A 226 12.88 2.97 -17.31
CA ASN A 226 11.78 3.29 -16.43
C ASN A 226 10.97 4.41 -17.00
N LEU A 227 9.71 4.12 -17.30
CA LEU A 227 8.73 5.12 -17.72
C LEU A 227 7.61 5.18 -16.69
N ASP A 228 7.43 6.32 -16.03
CA ASP A 228 6.49 6.43 -14.95
C ASP A 228 5.65 7.69 -15.12
N LEU A 229 4.35 7.45 -15.40
CA LEU A 229 3.40 8.48 -15.71
C LEU A 229 2.14 8.32 -14.88
N THR A 230 2.30 7.84 -13.66
CA THR A 230 1.18 7.58 -12.77
C THR A 230 0.54 8.88 -12.27
N PHE A 231 -0.71 8.81 -11.84
CA PHE A 231 -1.45 9.95 -11.32
C PHE A 231 -1.50 11.12 -12.31
N ASN A 232 -1.92 10.84 -13.54
CA ASN A 232 -2.27 11.91 -14.50
C ASN A 232 -3.65 11.63 -15.08
N GLN A 233 -4.09 12.41 -16.09
CA GLN A 233 -5.25 12.06 -16.90
C GLN A 233 -4.86 11.84 -18.38
N LEU A 234 -3.92 10.94 -18.57
CA LEU A 234 -3.53 10.58 -19.91
C LEU A 234 -4.63 9.73 -20.51
N THR A 235 -4.82 9.92 -21.82
CA THR A 235 -5.85 9.26 -22.63
C THR A 235 -5.19 8.54 -23.80
N GLY A 236 -6.03 7.76 -24.50
CA GLY A 236 -5.65 7.01 -25.68
C GLY A 236 -5.17 5.62 -25.35
N SER A 237 -4.63 4.96 -26.35
CA SER A 237 -4.03 3.64 -26.19
C SER A 237 -2.71 3.73 -25.42
N ILE A 238 -2.34 2.65 -24.73
CA ILE A 238 -0.95 2.46 -24.33
C ILE A 238 -0.25 2.15 -25.66
N PRO A 239 0.70 2.99 -26.09
CA PRO A 239 1.26 2.74 -27.43
C PRO A 239 1.98 1.43 -27.48
N SER A 240 1.82 0.72 -28.58
CA SER A 240 2.46 -0.58 -28.73
C SER A 240 3.99 -0.50 -28.93
N TRP A 241 4.54 0.69 -29.21
CA TRP A 241 6.01 0.85 -29.28
C TRP A 241 6.75 0.65 -27.95
N ILE A 242 6.06 0.65 -26.80
CA ILE A 242 6.71 0.29 -25.53
C ILE A 242 7.21 -1.15 -25.59
N THR A 243 6.59 -1.95 -26.45
CA THR A 243 6.93 -3.35 -26.61
C THR A 243 8.27 -3.56 -27.29
N GLN A 244 8.73 -2.56 -28.03
CA GLN A 244 9.99 -2.65 -28.76
C GLN A 244 11.09 -1.77 -28.16
N LEU A 245 10.99 -1.54 -26.85
CA LEU A 245 12.05 -0.95 -26.06
C LEU A 245 12.93 -2.11 -25.67
N LYS A 246 14.17 -2.14 -26.15
CA LYS A 246 15.03 -3.28 -25.90
C LYS A 246 15.41 -3.48 -24.41
N THR A 247 15.44 -2.41 -23.61
CA THR A 247 15.97 -2.50 -22.25
CA THR A 247 15.99 -2.45 -22.25
C THR A 247 14.99 -2.03 -21.18
N VAL A 248 13.71 -1.99 -21.52
CA VAL A 248 12.70 -1.54 -20.55
C VAL A 248 12.55 -2.48 -19.34
N GLU A 249 12.62 -1.91 -18.13
CA GLU A 249 12.43 -2.68 -16.89
C GLU A 249 11.16 -2.34 -16.12
N GLN A 250 10.71 -1.10 -16.16
CA GLN A 250 9.56 -0.68 -15.40
C GLN A 250 8.65 0.22 -16.23
N ILE A 251 7.38 -0.15 -16.33
CA ILE A 251 6.36 0.73 -16.92
C ILE A 251 5.30 0.97 -15.86
N GLU A 252 5.09 2.22 -15.48
CA GLU A 252 4.12 2.60 -14.46
C GLU A 252 3.15 3.59 -15.07
N LEU A 253 1.89 3.17 -15.20
CA LEU A 253 0.82 3.97 -15.78
C LEU A 253 -0.45 4.03 -14.92
N PHE A 254 -0.41 3.46 -13.71
CA PHE A 254 -1.47 3.50 -12.70
C PHE A 254 -2.19 4.85 -12.66
N ASN A 255 -3.52 4.83 -12.68
CA ASN A 255 -4.36 6.01 -12.42
C ASN A 255 -4.26 7.08 -13.50
N ASN A 256 -4.57 6.67 -14.72
CA ASN A 256 -4.80 7.57 -15.85
C ASN A 256 -6.14 7.20 -16.53
N SER A 257 -6.44 7.78 -17.71
CA SER A 257 -7.60 7.36 -18.53
C SER A 257 -7.21 6.62 -19.82
N PHE A 258 -6.21 5.77 -19.74
CA PHE A 258 -5.86 4.89 -20.87
C PHE A 258 -7.01 3.95 -21.20
N SER A 259 -7.25 3.74 -22.50
CA SER A 259 -8.29 2.82 -22.98
C SER A 259 -7.72 1.98 -24.09
N GLY A 260 -8.57 1.24 -24.79
CA GLY A 260 -8.12 0.30 -25.78
C GLY A 260 -7.55 -0.92 -25.08
N GLU A 261 -6.74 -1.69 -25.80
CA GLU A 261 -6.21 -2.94 -25.30
C GLU A 261 -4.76 -2.75 -24.89
N LEU A 262 -4.33 -3.63 -23.99
CA LEU A 262 -2.91 -3.86 -23.78
C LEU A 262 -2.36 -4.28 -25.15
N PRO A 263 -1.17 -3.79 -25.53
CA PRO A 263 -0.65 -4.23 -26.81
C PRO A 263 -0.39 -5.75 -26.81
N GLU A 264 -0.80 -6.41 -27.91
CA GLU A 264 -0.70 -7.88 -28.05
C GLU A 264 0.77 -8.38 -27.97
N SER A 265 1.69 -7.57 -28.46
CA SER A 265 3.09 -7.96 -28.50
C SER A 265 3.80 -7.92 -27.11
N MET A 266 3.18 -7.33 -26.09
CA MET A 266 3.72 -7.31 -24.71
C MET A 266 4.51 -8.54 -24.26
N GLY A 267 3.99 -9.73 -24.56
CA GLY A 267 4.60 -11.00 -24.18
C GLY A 267 6.06 -11.21 -24.55
N ASN A 268 6.56 -10.53 -25.58
CA ASN A 268 7.98 -10.63 -25.95
C ASN A 268 8.93 -9.65 -25.18
N MET A 269 8.42 -8.92 -24.19
CA MET A 269 9.22 -7.97 -23.37
C MET A 269 9.98 -8.68 -22.24
N THR A 270 11.10 -9.28 -22.63
CA THR A 270 11.87 -10.19 -21.76
CA THR A 270 11.87 -10.18 -21.76
C THR A 270 12.56 -9.47 -20.59
N THR A 271 12.88 -8.19 -20.77
CA THR A 271 13.57 -7.41 -19.77
C THR A 271 12.67 -6.82 -18.69
N LEU A 272 11.37 -6.82 -18.92
CA LEU A 272 10.40 -6.13 -18.07
C LEU A 272 10.29 -6.76 -16.67
N LYS A 273 10.50 -5.94 -15.65
CA LYS A 273 10.45 -6.34 -14.24
C LYS A 273 9.11 -6.01 -13.60
N ARG A 274 8.59 -4.83 -13.89
CA ARG A 274 7.37 -4.31 -13.23
C ARG A 274 6.47 -3.60 -14.23
N PHE A 275 5.21 -4.02 -14.28
CA PHE A 275 4.22 -3.41 -15.17
C PHE A 275 2.95 -3.12 -14.40
N ASP A 276 2.54 -1.85 -14.34
CA ASP A 276 1.32 -1.45 -13.68
C ASP A 276 0.52 -0.50 -14.57
N ALA A 277 -0.65 -0.98 -15.04
CA ALA A 277 -1.64 -0.15 -15.77
C ALA A 277 -3.00 -0.21 -15.07
N SER A 278 -2.97 -0.34 -13.75
CA SER A 278 -4.17 -0.33 -12.91
C SER A 278 -4.89 1.02 -12.94
N MET A 279 -6.15 1.02 -12.49
CA MET A 279 -6.97 2.21 -12.47
C MET A 279 -6.95 2.93 -13.82
N ASN A 280 -7.32 2.22 -14.88
CA ASN A 280 -7.49 2.84 -16.19
C ASN A 280 -8.83 2.40 -16.77
N LYS A 281 -9.05 2.62 -18.07
CA LYS A 281 -10.25 2.18 -18.75
C LYS A 281 -9.91 1.15 -19.85
N LEU A 282 -8.96 0.26 -19.55
CA LEU A 282 -8.50 -0.71 -20.52
C LEU A 282 -9.58 -1.75 -20.73
N THR A 283 -9.77 -2.14 -22.00
CA THR A 283 -10.66 -3.21 -22.39
C THR A 283 -9.83 -4.27 -23.07
N GLY A 284 -10.48 -5.37 -23.45
CA GLY A 284 -9.84 -6.46 -24.19
C GLY A 284 -9.27 -7.51 -23.27
N LYS A 285 -8.40 -8.36 -23.80
CA LYS A 285 -7.79 -9.46 -23.04
C LYS A 285 -6.40 -9.10 -22.56
N ILE A 286 -5.90 -9.92 -21.65
CA ILE A 286 -4.51 -9.97 -21.30
C ILE A 286 -3.80 -10.64 -22.48
N PRO A 287 -2.74 -10.03 -23.03
CA PRO A 287 -2.01 -10.66 -24.14
C PRO A 287 -1.53 -12.06 -23.80
N ASP A 288 -1.40 -12.93 -24.80
CA ASP A 288 -0.95 -14.31 -24.57
C ASP A 288 0.38 -14.61 -25.29
N ASN A 289 0.90 -15.83 -25.11
CA ASN A 289 2.29 -16.17 -25.46
C ASN A 289 3.24 -15.22 -24.74
N LEU A 290 3.03 -15.11 -23.42
CA LEU A 290 3.86 -14.30 -22.56
C LEU A 290 5.15 -15.05 -22.30
N ASN A 291 6.28 -14.38 -22.57
CA ASN A 291 7.61 -14.88 -22.23
C ASN A 291 8.31 -13.83 -21.34
N LEU A 292 7.58 -13.36 -20.33
CA LEU A 292 8.02 -12.30 -19.46
C LEU A 292 8.92 -12.88 -18.38
N LEU A 293 10.17 -13.15 -18.75
CA LEU A 293 11.08 -13.96 -17.91
C LEU A 293 11.49 -13.24 -16.62
N ASN A 294 11.80 -11.96 -16.74
CA ASN A 294 12.20 -11.15 -15.59
C ASN A 294 11.06 -10.49 -14.83
N LEU A 295 9.81 -10.79 -15.19
CA LEU A 295 8.66 -10.16 -14.56
C LEU A 295 8.61 -10.49 -13.06
N GLU A 296 8.60 -9.42 -12.25
CA GLU A 296 8.43 -9.52 -10.79
C GLU A 296 7.04 -9.11 -10.35
N SER A 297 6.43 -8.13 -11.03
CA SER A 297 5.13 -7.57 -10.60
C SER A 297 4.25 -7.21 -11.81
N LEU A 298 3.01 -7.70 -11.81
CA LEU A 298 2.00 -7.30 -12.80
C LEU A 298 0.75 -6.85 -12.09
N ASN A 299 0.34 -5.62 -12.35
CA ASN A 299 -0.83 -5.01 -11.74
C ASN A 299 -1.69 -4.46 -12.87
N LEU A 300 -2.91 -4.98 -13.00
CA LEU A 300 -3.90 -4.50 -13.97
C LEU A 300 -5.28 -4.30 -13.33
N PHE A 301 -5.30 -4.09 -12.02
CA PHE A 301 -6.53 -3.96 -11.29
C PHE A 301 -7.31 -2.69 -11.66
N GLU A 302 -8.63 -2.73 -11.47
CA GLU A 302 -9.55 -1.63 -11.79
C GLU A 302 -9.46 -1.21 -13.26
N ASN A 303 -9.74 -2.19 -14.10
CA ASN A 303 -9.92 -2.00 -15.53
C ASN A 303 -11.19 -2.77 -15.95
N MET A 304 -11.43 -2.87 -17.25
CA MET A 304 -12.54 -3.64 -17.78
C MET A 304 -12.00 -4.76 -18.66
N LEU A 305 -10.97 -5.45 -18.18
CA LEU A 305 -10.38 -6.58 -18.89
C LEU A 305 -11.26 -7.82 -18.81
N GLU A 306 -11.16 -8.66 -19.83
CA GLU A 306 -11.88 -9.92 -19.92
C GLU A 306 -10.96 -11.03 -20.42
N GLY A 307 -11.48 -12.26 -20.43
CA GLY A 307 -10.73 -13.41 -20.91
C GLY A 307 -10.06 -14.14 -19.77
N PRO A 308 -9.19 -15.10 -20.09
CA PRO A 308 -8.48 -15.84 -19.06
C PRO A 308 -7.18 -15.14 -18.64
N LEU A 309 -6.63 -15.60 -17.52
CA LEU A 309 -5.24 -15.39 -17.18
C LEU A 309 -4.49 -16.45 -17.99
N PRO A 310 -3.67 -16.02 -18.98
CA PRO A 310 -3.00 -17.03 -19.78
C PRO A 310 -2.07 -17.97 -19.03
N GLU A 311 -2.02 -19.20 -19.50
CA GLU A 311 -1.16 -20.26 -18.98
C GLU A 311 0.31 -19.84 -19.01
N SER A 312 0.70 -19.10 -20.05
CA SER A 312 2.09 -18.65 -20.24
C SER A 312 2.64 -17.64 -19.21
N ILE A 313 1.82 -17.26 -18.22
CA ILE A 313 2.29 -16.54 -17.06
C ILE A 313 3.23 -17.40 -16.20
N THR A 314 3.05 -18.72 -16.23
CA THR A 314 3.95 -19.63 -15.50
C THR A 314 5.40 -19.64 -16.03
N ARG A 315 5.68 -19.02 -17.18
CA ARG A 315 7.07 -18.78 -17.61
C ARG A 315 7.77 -17.72 -16.77
N SER A 316 7.01 -16.82 -16.13
CA SER A 316 7.59 -15.80 -15.24
C SER A 316 8.00 -16.39 -13.88
N LYS A 317 9.19 -16.99 -13.83
CA LYS A 317 9.64 -17.74 -12.65
C LYS A 317 10.09 -16.88 -11.44
N THR A 318 10.19 -15.56 -11.63
CA THR A 318 10.44 -14.60 -10.54
C THR A 318 9.20 -13.76 -10.15
N LEU A 319 8.03 -14.03 -10.74
CA LEU A 319 6.82 -13.26 -10.44
C LEU A 319 6.42 -13.39 -8.98
N SER A 320 6.35 -12.25 -8.28
CA SER A 320 6.04 -12.21 -6.84
C SER A 320 4.73 -11.50 -6.49
N GLU A 321 4.31 -10.53 -7.29
CA GLU A 321 3.08 -9.77 -7.07
C GLU A 321 2.15 -9.84 -8.30
N LEU A 322 0.93 -10.29 -8.09
CA LEU A 322 -0.06 -10.36 -9.15
C LEU A 322 -1.39 -9.86 -8.62
N LYS A 323 -1.80 -8.68 -9.08
CA LYS A 323 -3.06 -8.06 -8.66
C LYS A 323 -3.85 -7.67 -9.88
N LEU A 324 -4.92 -8.43 -10.13
CA LEU A 324 -5.82 -8.22 -11.28
C LEU A 324 -7.25 -7.94 -10.87
N PHE A 325 -7.47 -7.69 -9.59
CA PHE A 325 -8.80 -7.53 -9.05
C PHE A 325 -9.61 -6.43 -9.76
N ASN A 326 -10.94 -6.54 -9.71
CA ASN A 326 -11.84 -5.49 -10.20
C ASN A 326 -11.82 -5.43 -11.73
N ASN A 327 -11.94 -6.62 -12.33
CA ASN A 327 -11.97 -6.80 -13.78
C ASN A 327 -13.11 -7.76 -14.14
N ARG A 328 -13.19 -8.18 -15.40
CA ARG A 328 -14.19 -9.15 -15.84
C ARG A 328 -13.51 -10.42 -16.34
N LEU A 329 -12.53 -10.91 -15.61
CA LEU A 329 -11.74 -12.06 -16.03
C LEU A 329 -12.50 -13.38 -15.78
N THR A 330 -12.38 -14.30 -16.75
CA THR A 330 -13.12 -15.55 -16.76
C THR A 330 -12.20 -16.77 -16.81
N GLY A 331 -12.81 -17.94 -16.62
CA GLY A 331 -12.15 -19.21 -16.78
C GLY A 331 -11.41 -19.67 -15.55
N VAL A 332 -10.69 -20.78 -15.72
CA VAL A 332 -9.93 -21.41 -14.66
C VAL A 332 -8.49 -20.91 -14.69
N LEU A 333 -7.87 -20.80 -13.52
CA LEU A 333 -6.50 -20.32 -13.42
C LEU A 333 -5.53 -21.45 -13.72
N PRO A 334 -4.34 -21.13 -14.27
CA PRO A 334 -3.29 -22.11 -14.46
C PRO A 334 -3.04 -22.99 -13.23
N SER A 335 -3.26 -24.29 -13.40
CA SER A 335 -2.99 -25.29 -12.37
C SER A 335 -1.58 -25.20 -11.73
N GLN A 336 -0.59 -24.84 -12.54
CA GLN A 336 0.80 -24.72 -12.06
C GLN A 336 1.18 -23.34 -11.55
N LEU A 337 0.21 -22.43 -11.40
CA LEU A 337 0.48 -21.07 -10.91
C LEU A 337 1.06 -21.14 -9.52
N GLY A 338 2.23 -20.51 -9.34
CA GLY A 338 2.89 -20.41 -8.05
C GLY A 338 3.93 -21.48 -7.76
N ALA A 339 3.79 -22.65 -8.38
CA ALA A 339 4.67 -23.79 -8.13
C ALA A 339 6.13 -23.46 -8.35
N ASN A 340 6.41 -22.77 -9.46
CA ASN A 340 7.76 -22.31 -9.76
C ASN A 340 7.85 -20.78 -9.81
N SER A 341 7.19 -20.11 -8.85
CA SER A 341 7.27 -18.66 -8.66
C SER A 341 7.37 -18.33 -7.17
N PRO A 342 8.06 -17.22 -6.81
CA PRO A 342 8.03 -16.73 -5.45
C PRO A 342 6.81 -15.82 -5.20
N LEU A 343 5.61 -16.34 -5.43
CA LEU A 343 4.40 -15.55 -5.28
C LEU A 343 4.27 -15.12 -3.82
N GLN A 344 4.04 -13.82 -3.65
CA GLN A 344 4.00 -13.16 -2.34
C GLN A 344 2.62 -12.52 -2.08
N TYR A 345 2.17 -11.68 -3.00
CA TYR A 345 0.84 -11.04 -2.96
C TYR A 345 0.00 -11.43 -4.18
N VAL A 346 -1.19 -11.98 -3.95
CA VAL A 346 -2.11 -12.37 -5.01
C VAL A 346 -3.53 -11.90 -4.68
N ASP A 347 -3.99 -10.87 -5.39
CA ASP A 347 -5.35 -10.34 -5.26
C ASP A 347 -6.04 -10.40 -6.62
N LEU A 348 -6.91 -11.41 -6.80
CA LEU A 348 -7.71 -11.55 -8.01
C LEU A 348 -9.20 -11.34 -7.73
N SER A 349 -9.50 -10.55 -6.69
CA SER A 349 -10.85 -10.36 -6.24
C SER A 349 -11.75 -9.73 -7.29
N TYR A 350 -13.05 -9.96 -7.14
CA TYR A 350 -14.08 -9.31 -7.98
C TYR A 350 -13.82 -9.49 -9.47
N ASN A 351 -13.75 -10.76 -9.85
CA ASN A 351 -13.69 -11.19 -11.24
C ASN A 351 -14.77 -12.25 -11.44
N ARG A 352 -14.72 -12.97 -12.56
CA ARG A 352 -15.62 -14.07 -12.81
C ARG A 352 -14.84 -15.36 -13.04
N PHE A 353 -13.78 -15.56 -12.23
CA PHE A 353 -12.99 -16.80 -12.28
C PHE A 353 -13.82 -17.95 -11.72
N SER A 354 -13.48 -19.16 -12.17
CA SER A 354 -14.14 -20.40 -11.80
C SER A 354 -13.10 -21.52 -11.72
N GLY A 355 -13.54 -22.71 -11.31
CA GLY A 355 -12.63 -23.86 -11.16
C GLY A 355 -11.88 -23.81 -9.85
N GLU A 356 -10.97 -24.75 -9.64
CA GLU A 356 -10.24 -24.86 -8.37
C GLU A 356 -9.05 -23.88 -8.26
N ILE A 357 -8.72 -23.54 -7.02
CA ILE A 357 -7.53 -22.76 -6.67
C ILE A 357 -6.33 -23.69 -6.83
N PRO A 358 -5.27 -23.27 -7.55
CA PRO A 358 -4.11 -24.16 -7.72
C PRO A 358 -3.50 -24.64 -6.39
N ALA A 359 -3.14 -25.91 -6.34
CA ALA A 359 -2.63 -26.58 -5.14
C ALA A 359 -1.29 -26.02 -4.70
N ASN A 360 -0.35 -25.84 -5.63
CA ASN A 360 0.97 -25.30 -5.32
C ASN A 360 1.10 -23.76 -5.53
N VAL A 361 0.01 -23.00 -5.36
CA VAL A 361 0.09 -21.50 -5.35
C VAL A 361 1.10 -20.94 -4.33
N CYS A 362 1.21 -21.60 -3.18
CA CYS A 362 2.27 -21.33 -2.20
C CYS A 362 3.34 -22.40 -2.32
N GLY A 363 3.83 -22.64 -3.54
CA GLY A 363 4.82 -23.66 -3.78
C GLY A 363 6.15 -23.35 -3.15
N GLU A 364 6.65 -22.13 -3.36
CA GLU A 364 7.98 -21.73 -2.86
C GLU A 364 7.94 -21.04 -1.50
N GLY A 365 6.78 -21.05 -0.84
CA GLY A 365 6.68 -20.70 0.59
C GLY A 365 6.71 -19.22 0.94
N LYS A 366 6.45 -18.36 -0.05
CA LYS A 366 6.57 -16.91 0.12
C LYS A 366 5.23 -16.20 0.22
N LEU A 367 4.13 -16.94 0.04
CA LEU A 367 2.82 -16.34 -0.16
C LEU A 367 2.27 -15.76 1.13
N GLU A 368 1.90 -14.48 1.09
CA GLU A 368 1.45 -13.71 2.25
C GLU A 368 0.00 -13.24 2.17
N TYR A 369 -0.38 -12.72 1.01
CA TYR A 369 -1.76 -12.31 0.71
C TYR A 369 -2.33 -13.27 -0.31
N LEU A 370 -3.45 -13.93 0.05
CA LEU A 370 -4.25 -14.68 -0.92
C LEU A 370 -5.69 -14.16 -0.88
N ILE A 371 -5.99 -13.23 -1.78
CA ILE A 371 -7.26 -12.52 -1.80
C ILE A 371 -7.98 -12.95 -3.05
N LEU A 372 -9.14 -13.59 -2.90
CA LEU A 372 -9.95 -14.05 -4.04
C LEU A 372 -11.43 -13.76 -3.88
N ILE A 373 -11.77 -12.65 -3.24
CA ILE A 373 -13.15 -12.31 -2.90
C ILE A 373 -13.96 -12.25 -4.19
N ASP A 374 -15.20 -12.72 -4.16
CA ASP A 374 -16.19 -12.45 -5.22
C ASP A 374 -15.81 -13.02 -6.58
N ASN A 375 -15.53 -14.31 -6.58
CA ASN A 375 -15.33 -15.07 -7.82
C ASN A 375 -16.34 -16.20 -7.83
N SER A 376 -16.06 -17.26 -8.59
CA SER A 376 -16.81 -18.50 -8.51
C SER A 376 -15.86 -19.69 -8.40
N PHE A 377 -14.81 -19.56 -7.57
CA PHE A 377 -13.88 -20.65 -7.33
C PHE A 377 -14.63 -21.80 -6.66
N SER A 378 -14.23 -23.04 -6.99
CA SER A 378 -14.98 -24.24 -6.60
C SER A 378 -14.03 -25.26 -5.97
N GLY A 379 -14.60 -26.39 -5.55
CA GLY A 379 -13.82 -27.50 -5.02
C GLY A 379 -13.31 -27.23 -3.61
N GLU A 380 -12.16 -27.82 -3.28
CA GLU A 380 -11.60 -27.76 -1.93
C GLU A 380 -10.25 -27.01 -1.92
N ILE A 381 -9.84 -26.62 -0.73
CA ILE A 381 -8.55 -25.97 -0.52
C ILE A 381 -7.50 -27.08 -0.37
N SER A 382 -6.40 -26.98 -1.09
CA SER A 382 -5.32 -27.98 -1.02
C SER A 382 -4.69 -28.05 0.35
N ASN A 383 -4.13 -29.22 0.68
CA ASN A 383 -3.37 -29.39 1.91
C ASN A 383 -2.01 -28.65 1.88
N ASN A 384 -1.49 -28.37 0.69
CA ASN A 384 -0.28 -27.55 0.54
C ASN A 384 -0.46 -26.17 1.14
N LEU A 385 -1.61 -25.53 0.85
CA LEU A 385 -1.95 -24.24 1.47
C LEU A 385 -1.95 -24.30 2.99
N GLY A 386 -2.45 -25.41 3.54
CA GLY A 386 -2.44 -25.63 4.98
C GLY A 386 -1.09 -25.69 5.65
N LYS A 387 -0.02 -25.79 4.84
CA LYS A 387 1.36 -25.77 5.33
C LYS A 387 2.07 -24.45 4.98
N CYS A 388 1.32 -23.46 4.47
CA CYS A 388 1.90 -22.19 4.00
C CYS A 388 1.99 -21.17 5.14
N LYS A 389 3.08 -21.24 5.88
CA LYS A 389 3.22 -20.54 7.16
C LYS A 389 3.55 -19.06 6.99
N SER A 390 3.96 -18.68 5.79
CA SER A 390 4.11 -17.28 5.41
C SER A 390 2.82 -16.44 5.37
N LEU A 391 1.67 -17.10 5.20
CA LEU A 391 0.39 -16.38 5.02
C LEU A 391 -0.02 -15.49 6.19
N THR A 392 -0.29 -14.22 5.89
CA THR A 392 -0.85 -13.26 6.87
C THR A 392 -2.31 -12.90 6.59
N ARG A 393 -2.69 -12.81 5.32
CA ARG A 393 -3.99 -12.29 4.94
C ARG A 393 -4.62 -13.26 3.96
N VAL A 394 -5.80 -13.76 4.29
CA VAL A 394 -6.52 -14.75 3.48
C VAL A 394 -8.00 -14.38 3.41
N ARG A 395 -8.45 -14.01 2.22
CA ARG A 395 -9.85 -13.65 1.99
C ARG A 395 -10.40 -14.48 0.83
N LEU A 396 -11.25 -15.45 1.14
CA LEU A 396 -11.82 -16.34 0.15
C LEU A 396 -13.34 -16.21 0.10
N SER A 397 -13.89 -15.11 0.60
CA SER A 397 -15.33 -15.03 0.75
C SER A 397 -16.05 -14.88 -0.57
N ASN A 398 -17.32 -15.30 -0.55
CA ASN A 398 -18.25 -15.21 -1.69
CA ASN A 398 -18.24 -15.18 -1.70
C ASN A 398 -17.77 -15.97 -2.93
N ASN A 399 -17.50 -17.27 -2.73
CA ASN A 399 -17.14 -18.20 -3.81
C ASN A 399 -18.10 -19.40 -3.80
N LYS A 400 -17.78 -20.43 -4.59
CA LYS A 400 -18.51 -21.70 -4.62
C LYS A 400 -17.72 -22.81 -3.91
N LEU A 401 -16.86 -22.44 -2.96
CA LEU A 401 -15.96 -23.43 -2.34
C LEU A 401 -16.73 -24.32 -1.36
N SER A 402 -16.19 -25.52 -1.15
CA SER A 402 -16.86 -26.56 -0.37
C SER A 402 -15.82 -27.49 0.26
N GLY A 403 -16.29 -28.54 0.90
CA GLY A 403 -15.40 -29.51 1.55
C GLY A 403 -14.93 -28.98 2.89
N GLN A 404 -13.89 -29.63 3.40
CA GLN A 404 -13.33 -29.28 4.71
C GLN A 404 -12.00 -28.55 4.57
N ILE A 405 -11.72 -27.70 5.54
CA ILE A 405 -10.51 -26.89 5.58
C ILE A 405 -9.40 -27.80 6.13
N PRO A 406 -8.16 -27.69 5.59
CA PRO A 406 -7.02 -28.46 6.15
C PRO A 406 -6.74 -28.19 7.63
N HIS A 407 -6.32 -29.21 8.37
CA HIS A 407 -6.15 -29.11 9.84
C HIS A 407 -5.10 -28.06 10.25
N GLY A 408 -4.03 -27.93 9.46
CA GLY A 408 -2.95 -26.97 9.73
C GLY A 408 -3.28 -25.52 9.36
N PHE A 409 -4.29 -25.34 8.50
CA PHE A 409 -4.71 -24.03 7.99
C PHE A 409 -5.27 -23.07 9.05
N TRP A 410 -5.73 -23.59 10.18
CA TRP A 410 -6.30 -22.78 11.24
C TRP A 410 -5.27 -22.27 12.25
N GLY A 411 -4.02 -22.74 12.18
CA GLY A 411 -3.02 -22.42 13.20
C GLY A 411 -1.70 -21.91 12.66
N LEU A 412 -1.74 -21.21 11.53
CA LEU A 412 -0.53 -20.69 10.90
C LEU A 412 -0.08 -19.44 11.66
N PRO A 413 1.22 -19.37 12.06
CA PRO A 413 1.70 -18.41 13.06
C PRO A 413 1.39 -16.93 12.76
N ARG A 414 1.65 -16.51 11.53
CA ARG A 414 1.50 -15.10 11.12
C ARG A 414 0.12 -14.74 10.56
N LEU A 415 -0.79 -15.72 10.47
CA LEU A 415 -2.14 -15.47 9.94
C LEU A 415 -2.91 -14.48 10.82
N SER A 416 -3.27 -13.36 10.21
CA SER A 416 -3.95 -12.24 10.84
C SER A 416 -5.44 -12.21 10.49
N LEU A 417 -5.75 -12.39 9.21
CA LEU A 417 -7.13 -12.39 8.70
C LEU A 417 -7.44 -13.72 8.03
N LEU A 418 -8.42 -14.44 8.59
CA LEU A 418 -8.97 -15.65 8.01
C LEU A 418 -10.44 -15.40 7.67
N GLU A 419 -10.69 -15.02 6.42
CA GLU A 419 -12.04 -14.70 5.94
C GLU A 419 -12.46 -15.78 4.94
N LEU A 420 -13.41 -16.61 5.37
CA LEU A 420 -13.90 -17.73 4.58
C LEU A 420 -15.39 -17.60 4.23
N SER A 421 -16.03 -16.49 4.59
CA SER A 421 -17.49 -16.42 4.65
C SER A 421 -18.22 -16.59 3.31
N ASP A 422 -19.49 -17.02 3.37
CA ASP A 422 -20.34 -17.21 2.18
C ASP A 422 -19.79 -18.25 1.19
N ASN A 423 -19.50 -19.43 1.73
CA ASN A 423 -19.13 -20.65 0.97
C ASN A 423 -19.94 -21.84 1.50
N SER A 424 -19.63 -23.06 1.05
CA SER A 424 -20.25 -24.30 1.58
C SER A 424 -19.28 -25.14 2.40
N PHE A 425 -18.45 -24.50 3.24
CA PHE A 425 -17.44 -25.25 4.02
C PHE A 425 -18.08 -26.05 5.15
N THR A 426 -17.56 -27.26 5.35
CA THR A 426 -18.06 -28.19 6.36
C THR A 426 -16.95 -28.59 7.33
N GLY A 427 -17.35 -29.26 8.40
CA GLY A 427 -16.43 -29.76 9.41
C GLY A 427 -16.46 -28.96 10.69
N SER A 428 -15.63 -29.38 11.64
CA SER A 428 -15.43 -28.67 12.90
C SER A 428 -14.11 -27.92 12.88
N ILE A 429 -14.04 -26.88 13.69
CA ILE A 429 -12.82 -26.07 13.81
C ILE A 429 -11.88 -26.80 14.77
N PRO A 430 -10.74 -27.30 14.28
CA PRO A 430 -9.89 -28.13 15.14
C PRO A 430 -9.20 -27.36 16.28
N LYS A 431 -8.77 -28.08 17.31
CA LYS A 431 -8.03 -27.49 18.44
C LYS A 431 -6.61 -26.97 18.06
N THR A 432 -6.15 -27.27 16.84
CA THR A 432 -4.92 -26.69 16.28
C THR A 432 -5.01 -25.18 15.98
N ILE A 433 -6.21 -24.61 16.08
CA ILE A 433 -6.41 -23.15 16.03
C ILE A 433 -5.66 -22.38 17.14
N ILE A 434 -5.33 -23.06 18.23
CA ILE A 434 -4.40 -22.54 19.25
C ILE A 434 -3.11 -21.94 18.68
N GLY A 435 -2.60 -22.53 17.58
CA GLY A 435 -1.37 -22.07 16.93
C GLY A 435 -1.40 -20.70 16.25
N ALA A 436 -2.59 -20.22 15.88
CA ALA A 436 -2.75 -18.92 15.22
C ALA A 436 -2.58 -17.72 16.15
N LYS A 437 -1.33 -17.49 16.59
CA LYS A 437 -1.03 -16.50 17.63
C LYS A 437 -1.22 -15.04 17.19
N ASN A 438 -1.24 -14.76 15.88
CA ASN A 438 -1.43 -13.38 15.37
C ASN A 438 -2.82 -13.09 14.83
N LEU A 439 -3.78 -14.00 15.04
CA LEU A 439 -5.11 -13.85 14.49
C LEU A 439 -5.90 -12.69 15.11
N SER A 440 -6.37 -11.81 14.26
CA SER A 440 -7.25 -10.69 14.64
C SER A 440 -8.70 -11.00 14.29
N ASN A 441 -8.93 -11.37 13.04
CA ASN A 441 -10.25 -11.45 12.45
C ASN A 441 -10.54 -12.84 11.92
N LEU A 442 -11.54 -13.50 12.52
CA LEU A 442 -12.08 -14.74 12.02
C LEU A 442 -13.45 -14.42 11.46
N ARG A 443 -13.60 -14.58 10.15
CA ARG A 443 -14.85 -14.27 9.46
C ARG A 443 -15.34 -15.47 8.66
N ILE A 444 -16.25 -16.23 9.27
CA ILE A 444 -16.69 -17.52 8.72
C ILE A 444 -18.22 -17.64 8.60
N SER A 445 -18.91 -16.50 8.48
CA SER A 445 -20.36 -16.50 8.36
CA SER A 445 -20.36 -16.49 8.36
C SER A 445 -20.83 -17.17 7.06
N LYS A 446 -22.08 -17.62 7.06
CA LYS A 446 -22.69 -18.28 5.91
C LYS A 446 -21.85 -19.43 5.36
N ASN A 447 -21.73 -20.49 6.16
CA ASN A 447 -21.08 -21.73 5.76
C ASN A 447 -21.90 -22.88 6.33
N ARG A 448 -21.37 -24.10 6.29
CA ARG A 448 -22.02 -25.25 6.95
C ARG A 448 -21.06 -25.97 7.90
N PHE A 449 -20.38 -25.21 8.77
CA PHE A 449 -19.53 -25.78 9.82
C PHE A 449 -20.42 -26.32 10.92
N SER A 450 -19.86 -27.22 11.74
CA SER A 450 -20.60 -27.89 12.82
C SER A 450 -19.65 -28.19 13.99
N GLY A 451 -20.17 -28.80 15.05
CA GLY A 451 -19.41 -29.11 16.25
C GLY A 451 -19.39 -27.96 17.24
N SER A 452 -18.51 -28.07 18.23
CA SER A 452 -18.34 -27.02 19.24
C SER A 452 -17.46 -25.89 18.73
N ILE A 453 -17.54 -24.75 19.42
CA ILE A 453 -16.55 -23.69 19.29
C ILE A 453 -15.44 -24.08 20.26
N PRO A 454 -14.19 -24.28 19.76
CA PRO A 454 -13.14 -24.74 20.68
C PRO A 454 -12.81 -23.77 21.83
N ASN A 455 -12.39 -24.32 22.96
CA ASN A 455 -11.95 -23.54 24.11
C ASN A 455 -10.59 -22.86 23.84
N GLU A 456 -9.82 -23.42 22.90
CA GLU A 456 -8.49 -22.91 22.54
C GLU A 456 -8.48 -21.48 22.00
N ILE A 457 -9.58 -21.05 21.38
CA ILE A 457 -9.72 -19.68 20.85
C ILE A 457 -9.42 -18.60 21.90
N GLY A 458 -9.93 -18.80 23.12
CA GLY A 458 -9.71 -17.88 24.23
C GLY A 458 -8.27 -17.50 24.55
N SER A 459 -7.32 -18.38 24.21
CA SER A 459 -5.87 -18.10 24.38
C SER A 459 -5.30 -17.07 23.39
N LEU A 460 -5.96 -16.85 22.27
CA LEU A 460 -5.47 -15.95 21.21
C LEU A 460 -5.81 -14.50 21.57
N ASN A 461 -4.90 -13.87 22.33
CA ASN A 461 -5.13 -12.54 22.92
C ASN A 461 -5.32 -11.40 21.91
N GLY A 462 -4.94 -11.63 20.65
CA GLY A 462 -5.15 -10.66 19.58
C GLY A 462 -6.58 -10.48 19.11
N ILE A 463 -7.40 -11.52 19.16
CA ILE A 463 -8.69 -11.53 18.45
C ILE A 463 -9.58 -10.33 18.78
N ILE A 464 -9.99 -9.62 17.72
CA ILE A 464 -10.95 -8.53 17.80
C ILE A 464 -12.31 -8.90 17.18
N GLU A 465 -12.37 -9.94 16.35
CA GLU A 465 -13.61 -10.33 15.68
C GLU A 465 -13.79 -11.85 15.59
N ILE A 466 -14.99 -12.30 15.97
CA ILE A 466 -15.40 -13.70 15.81
C ILE A 466 -16.78 -13.66 15.16
N SER A 467 -16.82 -13.74 13.84
CA SER A 467 -18.04 -13.64 13.07
C SER A 467 -18.33 -14.98 12.41
N GLY A 468 -19.20 -15.75 13.05
CA GLY A 468 -19.60 -17.06 12.55
C GLY A 468 -21.10 -17.25 12.59
N ALA A 469 -21.84 -16.27 12.04
CA ALA A 469 -23.29 -16.41 11.88
C ALA A 469 -23.63 -17.46 10.81
N GLU A 470 -24.85 -17.97 10.83
CA GLU A 470 -25.40 -18.86 9.80
C GLU A 470 -24.53 -20.10 9.47
N ASN A 471 -24.36 -20.95 10.47
CA ASN A 471 -23.68 -22.26 10.35
C ASN A 471 -24.51 -23.30 11.14
N ASP A 472 -23.91 -24.41 11.58
CA ASP A 472 -24.56 -25.34 12.55
C ASP A 472 -23.73 -25.64 13.80
N PHE A 473 -23.15 -24.59 14.39
CA PHE A 473 -22.37 -24.75 15.62
C PHE A 473 -23.25 -25.12 16.81
N SER A 474 -22.67 -25.89 17.73
CA SER A 474 -23.42 -26.47 18.83
C SER A 474 -22.59 -26.41 20.11
N GLY A 475 -23.17 -26.93 21.18
CA GLY A 475 -22.54 -26.90 22.49
C GLY A 475 -22.63 -25.52 23.10
N GLU A 476 -21.88 -25.35 24.18
CA GLU A 476 -21.84 -24.10 24.90
C GLU A 476 -20.81 -23.16 24.30
N ILE A 477 -20.98 -21.88 24.62
CA ILE A 477 -20.01 -20.84 24.32
C ILE A 477 -18.91 -20.99 25.35
N PRO A 478 -17.63 -21.15 24.93
CA PRO A 478 -16.56 -21.29 25.90
C PRO A 478 -16.48 -20.11 26.89
N GLU A 479 -16.20 -20.43 28.15
CA GLU A 479 -15.99 -19.40 29.17
C GLU A 479 -14.66 -18.67 28.90
N SER A 480 -13.76 -19.33 28.15
CA SER A 480 -12.55 -18.74 27.59
C SER A 480 -12.78 -17.39 26.88
N LEU A 481 -13.86 -17.30 26.09
CA LEU A 481 -14.14 -16.10 25.29
C LEU A 481 -14.32 -14.81 26.08
N VAL A 482 -14.66 -14.90 27.36
CA VAL A 482 -14.76 -13.73 28.24
C VAL A 482 -13.40 -13.06 28.44
N LYS A 483 -12.35 -13.86 28.61
CA LYS A 483 -10.99 -13.33 28.83
C LYS A 483 -10.26 -13.13 27.49
N LEU A 484 -10.85 -12.28 26.65
CA LEU A 484 -10.28 -11.77 25.42
C LEU A 484 -10.50 -10.26 25.49
N LYS A 485 -9.53 -9.58 26.09
CA LYS A 485 -9.63 -8.13 26.38
C LYS A 485 -9.91 -7.28 25.14
N GLN A 486 -9.35 -7.68 24.00
CA GLN A 486 -9.44 -6.92 22.75
C GLN A 486 -10.67 -7.21 21.89
N LEU A 487 -11.55 -8.14 22.30
CA LEU A 487 -12.68 -8.56 21.47
C LEU A 487 -13.64 -7.40 21.24
N SER A 488 -14.00 -7.21 19.96
CA SER A 488 -14.86 -6.12 19.50
C SER A 488 -16.21 -6.63 19.00
N ARG A 489 -16.21 -7.66 18.14
CA ARG A 489 -17.41 -8.17 17.51
C ARG A 489 -17.53 -9.67 17.72
N LEU A 490 -18.62 -10.11 18.33
CA LEU A 490 -18.96 -11.53 18.50
C LEU A 490 -20.32 -11.77 17.87
N ASP A 491 -20.36 -12.48 16.74
CA ASP A 491 -21.58 -12.76 16.01
C ASP A 491 -21.63 -14.26 15.83
N LEU A 492 -22.49 -14.91 16.62
CA LEU A 492 -22.76 -16.33 16.50
C LEU A 492 -24.27 -16.53 16.32
N SER A 493 -24.91 -15.62 15.57
CA SER A 493 -26.34 -15.72 15.28
C SER A 493 -26.63 -16.88 14.34
N LYS A 494 -27.88 -17.33 14.35
CA LYS A 494 -28.34 -18.41 13.48
C LYS A 494 -27.48 -19.68 13.51
N ASN A 495 -27.42 -20.31 14.70
CA ASN A 495 -26.71 -21.58 14.92
C ASN A 495 -27.51 -22.42 15.90
N GLN A 496 -26.96 -23.56 16.33
CA GLN A 496 -27.59 -24.46 17.29
C GLN A 496 -26.94 -24.39 18.68
N LEU A 497 -26.58 -23.20 19.14
CA LEU A 497 -25.85 -23.06 20.42
C LEU A 497 -26.79 -23.12 21.61
N SER A 498 -26.38 -23.89 22.63
CA SER A 498 -27.16 -24.10 23.84
C SER A 498 -26.39 -23.66 25.09
N GLY A 499 -27.08 -23.63 26.23
CA GLY A 499 -26.48 -23.22 27.49
C GLY A 499 -26.76 -21.77 27.81
N GLU A 500 -25.87 -21.17 28.61
CA GLU A 500 -26.04 -19.80 29.12
C GLU A 500 -24.88 -18.88 28.70
N ILE A 501 -24.95 -17.61 29.11
CA ILE A 501 -23.86 -16.64 28.98
C ILE A 501 -23.15 -16.59 30.34
N PRO A 502 -21.79 -16.49 30.37
CA PRO A 502 -21.14 -16.39 31.70
C PRO A 502 -21.60 -15.14 32.44
N ARG A 503 -21.86 -15.27 33.74
CA ARG A 503 -22.25 -14.12 34.56
C ARG A 503 -21.11 -13.07 34.61
N GLU A 504 -19.87 -13.56 34.64
CA GLU A 504 -18.68 -12.73 34.70
C GLU A 504 -18.26 -12.34 33.29
N LEU A 505 -18.33 -11.04 32.98
CA LEU A 505 -17.99 -10.49 31.66
C LEU A 505 -17.16 -9.20 31.71
N ARG A 506 -16.52 -8.88 32.84
CA ARG A 506 -15.74 -7.64 32.96
C ARG A 506 -14.52 -7.58 32.02
N GLY A 507 -14.08 -8.73 31.51
CA GLY A 507 -13.00 -8.80 30.52
C GLY A 507 -13.32 -8.19 29.16
N TRP A 508 -14.61 -8.09 28.83
CA TRP A 508 -15.07 -7.54 27.56
C TRP A 508 -15.16 -6.00 27.54
N LYS A 509 -14.04 -5.35 27.80
CA LYS A 509 -13.99 -3.89 27.87
C LYS A 509 -14.17 -3.26 26.50
N ASN A 510 -13.72 -3.95 25.45
CA ASN A 510 -13.79 -3.43 24.08
C ASN A 510 -14.97 -3.99 23.26
N LEU A 511 -15.83 -4.81 23.86
CA LEU A 511 -16.93 -5.41 23.10
C LEU A 511 -18.02 -4.40 22.72
N ASN A 512 -18.31 -4.40 21.42
CA ASN A 512 -19.21 -3.44 20.78
C ASN A 512 -20.48 -4.11 20.24
N GLU A 513 -20.31 -5.24 19.57
CA GLU A 513 -21.41 -6.05 19.07
C GLU A 513 -21.41 -7.43 19.72
N LEU A 514 -22.57 -7.80 20.26
CA LEU A 514 -22.85 -9.16 20.74
C LEU A 514 -24.17 -9.58 20.10
N ASN A 515 -24.12 -10.57 19.22
CA ASN A 515 -25.28 -10.98 18.42
C ASN A 515 -25.39 -12.48 18.48
N LEU A 516 -26.41 -12.97 19.19
CA LEU A 516 -26.61 -14.40 19.43
C LEU A 516 -28.00 -14.85 19.03
N ALA A 517 -28.60 -14.16 18.06
CA ALA A 517 -29.98 -14.40 17.65
C ALA A 517 -30.15 -15.79 17.03
N ASN A 518 -31.30 -16.41 17.24
CA ASN A 518 -31.67 -17.70 16.64
C ASN A 518 -30.73 -18.85 17.01
N ASN A 519 -30.66 -19.10 18.32
CA ASN A 519 -30.00 -20.26 18.89
C ASN A 519 -30.93 -20.87 19.94
N HIS A 520 -30.45 -21.89 20.65
CA HIS A 520 -31.22 -22.53 21.72
C HIS A 520 -30.72 -22.16 23.14
N LEU A 521 -30.28 -20.92 23.32
CA LEU A 521 -29.68 -20.47 24.58
C LEU A 521 -30.72 -20.29 25.68
N SER A 522 -30.25 -20.31 26.93
CA SER A 522 -31.14 -20.35 28.08
C SER A 522 -30.64 -19.55 29.29
N GLY A 523 -31.52 -19.41 30.28
CA GLY A 523 -31.22 -18.70 31.53
C GLY A 523 -31.55 -17.23 31.45
N GLU A 524 -31.10 -16.48 32.45
CA GLU A 524 -31.27 -15.03 32.48
C GLU A 524 -30.13 -14.34 31.76
N ILE A 525 -30.40 -13.08 31.40
CA ILE A 525 -29.42 -12.20 30.77
C ILE A 525 -28.54 -11.69 31.90
N PRO A 526 -27.20 -11.96 31.84
CA PRO A 526 -26.33 -11.50 32.93
C PRO A 526 -26.48 -10.02 33.21
N LYS A 527 -26.24 -9.65 34.46
CA LYS A 527 -26.38 -8.28 34.90
C LYS A 527 -25.27 -7.40 34.32
N GLU A 528 -24.09 -7.99 34.09
CA GLU A 528 -22.89 -7.23 33.72
C GLU A 528 -22.82 -6.77 32.26
N VAL A 529 -23.78 -7.20 31.43
CA VAL A 529 -23.96 -6.70 30.06
C VAL A 529 -24.19 -5.18 30.05
N GLY A 530 -25.00 -4.69 30.98
CA GLY A 530 -25.24 -3.24 31.15
C GLY A 530 -24.04 -2.41 31.62
N ILE A 531 -23.04 -3.04 32.23
CA ILE A 531 -21.80 -2.38 32.69
C ILE A 531 -20.76 -2.29 31.56
N LEU A 532 -20.91 -3.09 30.50
CA LEU A 532 -19.96 -3.11 29.38
C LEU A 532 -19.84 -1.74 28.70
N PRO A 533 -18.63 -1.15 28.68
CA PRO A 533 -18.53 0.28 28.44
C PRO A 533 -18.72 0.76 27.01
N VAL A 534 -18.59 -0.11 26.00
CA VAL A 534 -18.75 0.33 24.59
C VAL A 534 -19.71 -0.54 23.73
N LEU A 535 -20.67 -1.20 24.38
CA LEU A 535 -21.64 -2.03 23.69
C LEU A 535 -22.71 -1.14 23.03
N ASN A 536 -22.82 -1.23 21.70
CA ASN A 536 -23.88 -0.54 20.95
C ASN A 536 -24.85 -1.49 20.24
N TYR A 537 -24.57 -2.79 20.25
CA TYR A 537 -25.35 -3.75 19.48
C TYR A 537 -25.54 -4.98 20.33
N LEU A 538 -26.80 -5.29 20.65
CA LEU A 538 -27.14 -6.44 21.46
C LEU A 538 -28.39 -7.13 20.93
N ASP A 539 -28.20 -8.33 20.34
CA ASP A 539 -29.29 -9.11 19.74
C ASP A 539 -29.29 -10.51 20.33
N LEU A 540 -30.25 -10.76 21.23
CA LEU A 540 -30.46 -12.05 21.89
C LEU A 540 -31.82 -12.65 21.53
N SER A 541 -32.41 -12.24 20.40
CA SER A 541 -33.76 -12.66 20.03
C SER A 541 -33.79 -14.08 19.45
N SER A 542 -34.99 -14.68 19.45
CA SER A 542 -35.19 -16.06 19.00
C SER A 542 -34.36 -17.08 19.77
N ASN A 543 -34.43 -16.96 21.09
CA ASN A 543 -33.77 -17.89 22.01
C ASN A 543 -34.78 -18.31 23.08
N GLN A 544 -34.32 -19.03 24.10
CA GLN A 544 -35.15 -19.39 25.26
C GLN A 544 -34.60 -18.72 26.53
N PHE A 545 -34.42 -17.40 26.46
CA PHE A 545 -34.01 -16.59 27.61
C PHE A 545 -35.23 -16.29 28.48
N SER A 546 -35.13 -16.63 29.75
CA SER A 546 -36.22 -16.45 30.70
C SER A 546 -35.85 -15.48 31.82
N GLY A 547 -36.85 -15.09 32.60
CA GLY A 547 -36.66 -14.25 33.78
C GLY A 547 -36.80 -12.78 33.49
N GLU A 548 -36.35 -11.95 34.43
CA GLU A 548 -36.49 -10.50 34.35
C GLU A 548 -35.35 -9.88 33.58
N ILE A 549 -35.68 -8.89 32.75
CA ILE A 549 -34.69 -8.12 31.99
C ILE A 549 -33.94 -7.26 33.00
N PRO A 550 -32.59 -7.34 33.03
CA PRO A 550 -31.86 -6.54 34.02
CA PRO A 550 -31.87 -6.54 34.04
C PRO A 550 -32.02 -5.04 33.77
N LEU A 551 -32.16 -4.27 34.84
CA LEU A 551 -32.33 -2.82 34.74
C LEU A 551 -31.04 -2.06 34.36
N GLU A 552 -29.89 -2.72 34.48
CA GLU A 552 -28.60 -2.12 34.10
C GLU A 552 -28.41 -1.86 32.59
N LEU A 553 -29.19 -2.51 31.74
CA LEU A 553 -29.20 -2.22 30.30
C LEU A 553 -29.58 -0.78 29.97
N GLN A 554 -30.26 -0.12 30.90
CA GLN A 554 -30.59 1.30 30.78
C GLN A 554 -29.36 2.23 30.82
N ASN A 555 -28.22 1.72 31.29
CA ASN A 555 -26.93 2.45 31.21
C ASN A 555 -26.40 2.57 29.78
N LEU A 556 -26.80 1.64 28.92
CA LEU A 556 -26.31 1.59 27.56
C LEU A 556 -27.07 2.52 26.61
N LYS A 557 -26.36 3.03 25.60
CA LYS A 557 -26.98 3.64 24.41
C LYS A 557 -26.78 2.69 23.24
N LEU A 558 -27.84 1.97 22.89
CA LEU A 558 -27.79 0.91 21.91
C LEU A 558 -28.37 1.34 20.58
N ASN A 559 -27.68 0.99 19.49
CA ASN A 559 -28.22 1.10 18.14
C ASN A 559 -29.28 0.01 17.95
N VAL A 560 -28.89 -1.24 18.22
CA VAL A 560 -29.79 -2.38 18.16
C VAL A 560 -29.99 -2.97 19.57
N LEU A 561 -31.26 -3.15 19.93
CA LEU A 561 -31.65 -3.90 21.13
C LEU A 561 -32.79 -4.82 20.75
N ASN A 562 -32.53 -6.12 20.69
CA ASN A 562 -33.56 -7.07 20.31
C ASN A 562 -33.54 -8.27 21.27
N LEU A 563 -34.55 -8.32 22.13
CA LEU A 563 -34.81 -9.45 23.03
C LEU A 563 -36.16 -10.11 22.71
N SER A 564 -36.62 -9.98 21.47
CA SER A 564 -37.89 -10.56 21.06
C SER A 564 -37.81 -12.08 21.03
N TYR A 565 -38.97 -12.72 20.98
CA TYR A 565 -39.12 -14.17 20.76
C TYR A 565 -38.28 -15.05 21.70
N ASN A 566 -38.36 -14.73 23.00
CA ASN A 566 -37.74 -15.50 24.08
C ASN A 566 -38.81 -15.90 25.09
N HIS A 567 -38.41 -16.57 26.18
CA HIS A 567 -39.33 -16.92 27.29
C HIS A 567 -39.27 -15.92 28.45
N LEU A 568 -38.98 -14.66 28.15
CA LEU A 568 -38.77 -13.63 29.17
C LEU A 568 -40.03 -13.31 29.97
N SER A 569 -39.82 -12.84 31.20
CA SER A 569 -40.89 -12.53 32.16
C SER A 569 -40.62 -11.22 32.90
N GLY A 570 -41.56 -10.80 33.72
CA GLY A 570 -41.41 -9.59 34.54
C GLY A 570 -41.84 -8.33 33.79
N LYS A 571 -41.17 -7.21 34.09
CA LYS A 571 -41.53 -5.91 33.52
C LYS A 571 -40.37 -5.35 32.70
N ILE A 572 -40.71 -4.62 31.64
CA ILE A 572 -39.73 -3.96 30.79
C ILE A 572 -39.16 -2.81 31.60
N PRO A 573 -37.84 -2.55 31.51
CA PRO A 573 -37.31 -1.38 32.20
C PRO A 573 -37.96 -0.08 31.75
N PRO A 574 -38.23 0.86 32.67
CA PRO A 574 -38.98 2.08 32.32
C PRO A 574 -38.40 2.97 31.19
N LEU A 575 -37.09 2.93 30.98
CA LEU A 575 -36.44 3.68 29.89
C LEU A 575 -36.97 3.23 28.53
N TYR A 576 -37.13 1.92 28.36
CA TYR A 576 -37.63 1.32 27.12
C TYR A 576 -39.16 1.09 27.16
N ALA A 577 -39.90 1.96 27.87
CA ALA A 577 -41.34 1.78 28.08
C ALA A 577 -42.15 2.26 26.89
N ASN A 578 -41.65 3.29 26.21
CA ASN A 578 -42.39 3.95 25.12
C ASN A 578 -42.62 3.02 23.92
N LYS A 579 -43.70 3.30 23.19
CA LYS A 579 -44.19 2.43 22.11
C LYS A 579 -43.22 2.24 20.93
N ILE A 580 -42.32 3.20 20.69
CA ILE A 580 -41.29 3.04 19.64
C ILE A 580 -40.29 1.89 19.88
N TYR A 581 -40.03 1.56 21.15
CA TYR A 581 -39.17 0.42 21.50
C TYR A 581 -39.92 -0.93 21.52
N ALA A 582 -41.23 -0.92 21.33
CA ALA A 582 -42.09 -2.10 21.57
C ALA A 582 -41.79 -3.31 20.67
N HIS A 583 -41.35 -3.06 19.44
CA HIS A 583 -40.96 -4.14 18.52
C HIS A 583 -39.73 -4.92 18.98
N ASP A 584 -38.95 -4.34 19.92
CA ASP A 584 -37.78 -5.00 20.53
C ASP A 584 -38.12 -6.10 21.54
N PHE A 585 -39.37 -6.14 22.01
CA PHE A 585 -39.78 -7.09 23.06
C PHE A 585 -40.94 -8.07 22.71
N ILE A 586 -41.50 -8.00 21.50
CA ILE A 586 -42.58 -8.93 21.09
C ILE A 586 -42.19 -10.42 21.20
N GLY A 587 -43.19 -11.27 21.32
CA GLY A 587 -43.00 -12.72 21.40
C GLY A 587 -42.49 -13.27 22.73
N ASN A 588 -42.81 -12.59 23.84
CA ASN A 588 -42.41 -13.03 25.18
C ASN A 588 -43.64 -13.21 26.07
N PRO A 589 -43.88 -14.45 26.57
CA PRO A 589 -45.18 -14.72 27.21
C PRO A 589 -45.46 -13.87 28.45
N GLY A 590 -44.55 -13.91 29.42
CA GLY A 590 -44.79 -13.26 30.72
C GLY A 590 -44.37 -11.80 30.88
N LEU A 591 -44.36 -11.05 29.78
CA LEU A 591 -43.82 -9.70 29.78
C LEU A 591 -44.91 -8.67 29.45
N CYS A 592 -44.97 -7.59 30.23
CA CYS A 592 -45.91 -6.49 29.99
C CYS A 592 -45.24 -5.14 30.23
N VAL A 593 -45.95 -4.08 29.85
CA VAL A 593 -45.56 -2.69 30.14
C VAL A 593 -46.49 -2.15 31.24
N ASP A 594 -45.99 -1.25 32.08
CA ASP A 594 -46.78 -0.65 33.17
C ASP A 594 -47.68 0.47 32.66
N LEU B 1 8.56 12.94 1.98
CA LEU B 1 8.65 14.11 1.06
C LEU B 1 8.13 13.77 -0.34
N VAL B 2 8.67 12.69 -0.94
CA VAL B 2 8.30 12.26 -2.31
C VAL B 2 8.00 10.75 -2.31
N PRO B 3 6.86 10.32 -2.91
CA PRO B 3 6.65 8.87 -3.06
C PRO B 3 7.62 8.25 -4.10
N PRO B 4 7.98 6.96 -3.94
CA PRO B 4 8.95 6.36 -4.87
C PRO B 4 8.35 6.07 -6.25
N SER B 5 9.21 5.94 -7.26
CA SER B 5 8.81 5.46 -8.59
CA SER B 5 8.79 5.46 -8.59
C SER B 5 8.70 3.94 -8.53
N GLY B 6 7.47 3.44 -8.39
CA GLY B 6 7.21 1.99 -8.38
C GLY B 6 5.71 1.68 -8.38
N HYP B 7 5.38 0.38 -8.29
CA HYP B 7 4.02 -0.14 -8.12
C HYP B 7 3.09 0.35 -7.09
O HYP B 7 3.57 0.76 -6.04
CB HYP B 7 3.89 -1.56 -8.58
CG HYP B 7 5.31 -1.90 -9.03
CD HYP B 7 6.23 -0.77 -8.56
OD1 HYP B 7 5.29 -1.97 -10.46
N SER B 8 1.79 0.23 -7.34
CA SER B 8 0.73 0.55 -6.36
C SER B 8 0.52 -0.60 -5.38
N MET B 9 0.52 -0.31 -4.06
CA MET B 9 0.18 -1.34 -3.05
C MET B 9 -1.25 -1.13 -2.53
N ARG B 10 -2.17 -0.83 -3.45
CA ARG B 10 -3.61 -0.88 -3.18
C ARG B 10 -4.04 -2.35 -3.39
N HIS B 11 -4.67 -2.92 -2.38
CA HIS B 11 -5.17 -4.31 -2.42
C HIS B 11 -6.43 -4.40 -1.53
N ASN B 12 -7.18 -5.49 -1.66
CA ASN B 12 -8.30 -5.80 -0.76
C ASN B 12 -7.84 -6.64 0.45
C1 NAG C . 17.74 12.08 7.12
C2 NAG C . 17.57 10.58 6.97
C3 NAG C . 17.11 9.94 8.28
C4 NAG C . 17.94 10.41 9.46
C5 NAG C . 18.09 11.93 9.48
C6 NAG C . 19.04 12.42 10.56
C7 NAG C . 16.88 9.83 4.72
C8 NAG C . 15.71 9.71 3.80
N2 NAG C . 16.59 10.36 5.91
O3 NAG C . 17.19 8.52 8.17
O4 NAG C . 17.32 9.98 10.68
O5 NAG C . 18.60 12.35 8.22
O6 NAG C . 20.38 11.97 10.29
O7 NAG C . 18.01 9.47 4.38
C1 NAG C . 18.03 8.88 11.30
C2 NAG C . 17.73 8.78 12.79
C3 NAG C . 18.70 7.75 13.37
C4 NAG C . 18.62 6.41 12.62
C5 NAG C . 18.54 6.55 11.09
C6 NAG C . 17.99 5.27 10.45
C7 NAG C . 16.88 10.94 13.64
C8 NAG C . 17.22 12.21 14.37
N2 NAG C . 17.87 10.05 13.48
O3 NAG C . 18.41 7.53 14.75
O4 NAG C . 19.77 5.62 12.97
O5 NAG C . 17.69 7.64 10.69
O6 NAG C . 18.41 5.16 9.09
O7 NAG C . 15.75 10.76 13.21
C1 NAG D . 6.67 23.14 3.14
C2 NAG D . 6.54 24.09 4.34
C3 NAG D . 5.89 23.38 5.52
C4 NAG D . 4.59 22.64 5.19
C5 NAG D . 4.68 21.91 3.83
C6 NAG D . 3.33 21.58 3.20
C7 NAG D . 8.27 25.83 4.64
C8 NAG D . 9.65 26.08 5.17
N2 NAG D . 7.85 24.56 4.77
O3 NAG D . 5.65 24.37 6.51
O4 NAG D . 4.42 21.70 6.27
O5 NAG D . 5.37 22.66 2.82
O6 NAG D . 2.64 22.79 2.81
O7 NAG D . 7.61 26.74 4.16
C1 NAG D . 3.16 21.60 6.97
C2 NAG D . 2.94 22.66 8.07
C3 NAG D . 1.79 22.14 8.95
C4 NAG D . 0.53 22.03 8.10
C5 NAG D . 0.78 21.23 6.81
C6 NAG D . -0.40 21.37 5.84
C7 NAG D . 4.46 24.21 9.34
C8 NAG D . 3.59 25.40 9.02
N2 NAG D . 4.12 22.98 8.87
O3 NAG D . 1.55 22.98 10.09
O4 NAG D . -0.52 21.42 8.87
O5 NAG D . 1.99 21.65 6.15
O6 NAG D . -0.16 20.61 4.65
O7 NAG D . 5.47 24.37 10.01
C1 NAG E . -5.91 9.11 -8.74
C2 NAG E . -6.04 9.49 -7.26
C3 NAG E . -6.84 10.77 -7.08
C4 NAG E . -6.23 11.91 -7.91
C5 NAG E . -6.08 11.53 -9.38
C6 NAG E . -4.69 11.86 -9.95
C7 NAG E . -6.04 7.25 -6.24
C8 NAG E . -6.84 6.21 -5.51
N2 NAG E . -6.66 8.40 -6.55
O3 NAG E . -6.85 11.15 -5.71
O4 NAG E . -7.04 13.10 -7.81
O5 NAG E . -6.39 10.14 -9.63
O6 NAG E . -4.83 12.23 -11.33
O7 NAG E . -4.87 7.04 -6.50
C1 NAG E . -6.37 14.21 -7.18
C2 NAG E . -7.08 15.52 -7.58
C3 NAG E . -7.91 16.11 -6.43
C4 NAG E . -7.18 16.19 -5.08
C5 NAG E . -5.99 15.22 -5.03
C6 NAG E . -5.58 14.84 -3.60
C7 NAG E . -5.56 16.47 -9.29
C8 NAG E . -4.59 17.57 -9.62
N2 NAG E . -6.10 16.50 -8.07
O3 NAG E . -9.12 15.36 -6.29
O4 NAG E . -6.72 17.54 -4.83
O5 NAG E . -6.31 14.03 -5.76
O6 NAG E . -5.62 13.42 -3.42
O7 NAG E . -5.82 15.59 -10.10
C1 BMA E . -7.39 18.25 -3.76
C2 BMA E . -6.60 18.12 -2.45
C3 BMA E . -6.73 19.37 -1.54
C4 BMA E . -8.08 20.08 -1.69
C5 BMA E . -8.47 20.33 -3.15
C6 BMA E . -8.47 21.82 -3.47
O2 BMA E . -5.21 17.85 -2.70
O3 BMA E . -5.69 20.33 -1.83
O4 BMA E . -9.10 19.29 -1.03
O5 BMA E . -7.59 19.64 -4.07
O6 BMA E . -8.86 22.02 -4.82
C1 MAN E . -5.00 20.81 -0.65
C2 MAN E . -4.53 22.24 -0.89
C3 MAN E . -3.43 22.67 0.10
C4 MAN E . -3.43 21.77 1.35
C5 MAN E . -3.22 20.30 0.95
C6 MAN E . -3.71 19.36 2.04
O2 MAN E . -5.66 23.13 -0.81
O3 MAN E . -3.59 24.04 0.49
O4 MAN E . -2.39 22.19 2.26
O5 MAN E . -3.90 19.96 -0.28
O6 MAN E . -3.26 18.04 1.73
C1 NAG F . -35.65 -9.15 16.25
C2 NAG F . -36.22 -8.39 15.06
C3 NAG F . -37.33 -9.23 14.42
C4 NAG F . -36.76 -10.59 14.00
C5 NAG F . -36.15 -11.28 15.21
C6 NAG F . -35.51 -12.62 14.86
C7 NAG F . -36.04 -5.98 15.58
C8 NAG F . -36.81 -4.75 15.98
N2 NAG F . -36.77 -7.10 15.43
O3 NAG F . -37.90 -8.53 13.30
O4 NAG F . -37.80 -11.42 13.45
O5 NAG F . -35.15 -10.42 15.79
O6 NAG F . -34.94 -13.19 16.04
O7 NAG F . -34.83 -5.95 15.43
C1 NAG F . -37.49 -11.91 12.14
C2 NAG F . -38.41 -13.07 11.75
C3 NAG F . -38.07 -13.58 10.35
C4 NAG F . -38.05 -12.43 9.33
C5 NAG F . -37.23 -11.24 9.83
C6 NAG F . -37.39 -10.01 8.94
C7 NAG F . -39.27 -14.48 13.60
C8 NAG F . -38.98 -15.65 14.49
N2 NAG F . -38.32 -14.18 12.70
O3 NAG F . -39.03 -14.54 9.93
O4 NAG F . -37.52 -12.90 8.09
O5 NAG F . -37.61 -10.87 11.17
O6 NAG F . -36.53 -10.13 7.82
O7 NAG F . -40.32 -13.85 13.70
C1 NAG G . 16.18 28.83 9.12
C2 NAG G . 15.38 30.14 9.16
C3 NAG G . 15.68 30.90 10.47
C4 NAG G . 15.10 30.05 11.60
C5 NAG G . 15.86 28.71 11.61
C6 NAG G . 15.36 27.78 12.75
C7 NAG G . 14.55 31.23 7.13
C8 NAG G . 14.88 32.14 5.99
N2 NAG G . 15.55 30.99 8.00
O3 NAG G . 15.16 32.23 10.47
O4 NAG G . 15.16 30.73 12.86
O5 NAG G . 15.81 28.07 10.30
O6 NAG G . 14.73 26.58 12.28
O7 NAG G . 13.43 30.74 7.24
C1 NAG H . 15.85 25.30 -27.54
C2 NAG H . 16.47 25.93 -28.79
C3 NAG H . 15.54 26.99 -29.36
C4 NAG H . 14.11 26.49 -29.47
C5 NAG H . 13.66 25.90 -28.13
C6 NAG H . 12.21 25.42 -28.15
C7 NAG H . 18.92 25.91 -28.70
C8 NAG H . 20.15 26.69 -28.35
N2 NAG H . 17.77 26.54 -28.51
O3 NAG H . 16.03 27.40 -30.65
O4 NAG H . 13.25 27.57 -29.83
O5 NAG H . 14.54 24.81 -27.80
O6 NAG H . 12.18 24.01 -27.96
O7 NAG H . 18.95 24.76 -29.12
C1 NAG I . 8.10 -7.79 -30.11
C2 NAG I . 9.50 -7.16 -30.21
C3 NAG I . 9.41 -5.83 -30.95
C4 NAG I . 8.69 -5.93 -32.29
C5 NAG I . 7.37 -6.72 -32.21
C6 NAG I . 6.95 -7.10 -33.64
C7 NAG I . 11.25 -7.46 -28.46
C8 NAG I . 11.68 -7.09 -27.07
N2 NAG I . 10.09 -6.93 -28.90
O3 NAG I . 10.73 -5.34 -31.19
O4 NAG I . 8.44 -4.61 -32.82
O5 NAG I . 7.53 -7.93 -31.42
O6 NAG I . 5.62 -7.61 -33.73
O7 NAG I . 11.94 -8.22 -29.12
C1 EDO J . -4.19 -0.61 2.18
O1 EDO J . -3.11 -0.17 1.34
C2 EDO J . -5.53 -0.10 1.64
O2 EDO J . -5.61 -0.20 0.22
#